data_5YQ5
#
_entry.id   5YQ5
#
_cell.length_a   75.640
_cell.length_b   110.700
_cell.length_c   122.150
_cell.angle_alpha   90.00
_cell.angle_beta   106.97
_cell.angle_gamma   90.00
#
_symmetry.space_group_name_H-M   'P 1 21 1'
#
loop_
_entity.id
_entity.type
_entity.pdbx_description
1 polymer Osteomodulin
2 non-polymer 2-acetamido-2-deoxy-beta-D-glucopyranose
3 non-polymer 'PHOSPHATE ION'
4 water water
#
_entity_poly.entity_id   1
_entity_poly.type   'polypeptide(L)'
_entity_poly.pdbx_seq_one_letter_code
;MRVLVLLACLAAASNAGSQYETYQWDEDYDQEPDDDYQTGFPFRQNVDYGVPFHQYTLGCVSECFCPTNFPSSMYCDNRK
LKTIPNIPMHIQQLYLQFNEIEAVTANSFINATHLKEINLSHNKIKSQKIDYGVFAKLPNLLQLHLEHNNLEEFPFPLPK
SLERLLLGYNEISKLQTNAMDGLVNLTMLDLCYNYLHDSLLKDKIFAKMEKLMQLNLCSNRLESMPPGLPSSLMYLSLEN
NSISSIPEKYFDKLPKLHTLRMSHNKLQDIPYNIFNLPNIVELSVGHNKLKQAFYIPRNLEHLYLQNNEIEKMNLTVMCP
SIDPLHYHHLTYIRVDQNKLKEPISSYIFFCFPHIHTIYYGEQRSTNGQTIQLKTQVFRRFPDDDDESEDHDDPDNAHES
PEQEGAEGHFDLHYYENQEAAADYKDDDDK
;
_entity_poly.pdbx_strand_id   A,B,C,D
#
# COMPACT_ATOMS: atom_id res chain seq x y z
N SER A 62 -13.91 29.97 -5.94
CA SER A 62 -14.92 29.75 -7.00
C SER A 62 -15.52 28.33 -6.99
N GLU A 63 -14.70 27.34 -6.70
CA GLU A 63 -15.15 25.93 -6.60
C GLU A 63 -16.12 25.62 -5.42
N CYS A 64 -16.05 26.44 -4.37
CA CYS A 64 -16.89 26.24 -3.19
C CYS A 64 -17.78 27.44 -2.98
N PHE A 65 -18.68 27.36 -2.02
CA PHE A 65 -19.58 28.44 -1.66
C PHE A 65 -19.45 28.82 -0.19
N CYS A 66 -19.16 30.10 0.06
CA CYS A 66 -18.97 30.59 1.44
C CYS A 66 -20.00 31.67 1.74
N PRO A 67 -21.12 31.32 2.41
CA PRO A 67 -22.15 32.32 2.62
C PRO A 67 -21.66 33.46 3.53
N THR A 68 -21.89 34.72 3.10
CA THR A 68 -21.47 35.91 3.84
C THR A 68 -22.10 36.03 5.23
N ASN A 69 -23.30 35.55 5.38
CA ASN A 69 -24.01 35.48 6.67
C ASN A 69 -23.56 34.34 7.59
N PHE A 70 -22.85 33.34 7.08
CA PHE A 70 -22.28 32.23 7.91
C PHE A 70 -20.81 32.10 7.52
N PRO A 71 -20.04 33.13 7.84
CA PRO A 71 -18.76 33.39 7.20
C PRO A 71 -17.67 32.40 7.53
N SER A 72 -17.80 31.68 8.65
CA SER A 72 -16.85 30.60 8.96
C SER A 72 -17.16 29.23 8.30
N SER A 73 -18.20 29.16 7.44
CA SER A 73 -18.61 27.91 6.77
C SER A 73 -18.25 27.88 5.31
N MET A 74 -17.71 26.77 4.84
CA MET A 74 -17.39 26.61 3.44
C MET A 74 -17.92 25.31 2.90
N TYR A 75 -18.71 25.40 1.82
CA TYR A 75 -19.42 24.29 1.21
C TYR A 75 -18.74 23.91 -0.06
N CYS A 76 -18.11 22.75 -0.07
CA CYS A 76 -17.45 22.23 -1.25
C CYS A 76 -18.02 20.88 -1.60
N ASP A 77 -19.19 20.58 -1.09
CA ASP A 77 -19.78 19.25 -1.23
C ASP A 77 -20.45 19.05 -2.60
N ASN A 78 -20.58 17.77 -3.00
CA ASN A 78 -21.34 17.34 -4.17
C ASN A 78 -20.92 18.11 -5.42
N ARG A 79 -19.62 18.27 -5.64
CA ARG A 79 -19.07 19.09 -6.74
C ARG A 79 -18.09 18.37 -7.66
N LYS A 80 -18.13 17.04 -7.65
CA LYS A 80 -17.15 16.18 -8.31
C LYS A 80 -15.69 16.62 -8.10
N LEU A 81 -15.36 17.22 -6.95
CA LEU A 81 -13.96 17.61 -6.71
C LEU A 81 -13.03 16.38 -6.61
N LYS A 82 -11.87 16.52 -7.18
CA LYS A 82 -10.83 15.52 -7.17
C LYS A 82 -9.77 15.81 -6.13
N THR A 83 -9.68 17.08 -5.71
CA THR A 83 -8.68 17.50 -4.76
C THR A 83 -9.35 18.47 -3.82
N ILE A 84 -8.78 18.59 -2.65
CA ILE A 84 -9.27 19.51 -1.66
C ILE A 84 -8.71 20.87 -2.03
N PRO A 85 -9.58 21.87 -2.24
CA PRO A 85 -9.06 23.20 -2.55
C PRO A 85 -8.33 23.84 -1.34
N ASN A 86 -7.68 24.97 -1.58
CA ASN A 86 -6.99 25.72 -0.55
C ASN A 86 -8.01 26.30 0.40
N ILE A 87 -7.82 26.07 1.68
CA ILE A 87 -8.80 26.47 2.68
C ILE A 87 -8.37 27.80 3.28
N PRO A 88 -9.19 28.85 3.19
CA PRO A 88 -8.89 30.11 3.89
C PRO A 88 -8.79 29.92 5.40
N MET A 89 -8.02 30.80 6.04
CA MET A 89 -7.67 30.65 7.45
C MET A 89 -8.82 30.89 8.41
N HIS A 90 -9.88 31.55 7.97
CA HIS A 90 -11.01 31.83 8.86
C HIS A 90 -12.04 30.69 8.90
N ILE A 91 -11.91 29.69 8.03
CA ILE A 91 -12.89 28.59 7.96
C ILE A 91 -12.88 27.70 9.18
N GLN A 92 -14.05 27.46 9.73
CA GLN A 92 -14.21 26.63 10.89
C GLN A 92 -15.04 25.36 10.61
N GLN A 93 -15.97 25.41 9.67
CA GLN A 93 -16.75 24.26 9.27
C GLN A 93 -16.53 24.08 7.78
N LEU A 94 -16.04 22.89 7.40
CA LEU A 94 -15.63 22.59 6.04
C LEU A 94 -16.36 21.35 5.57
N TYR A 95 -17.13 21.48 4.49
CA TYR A 95 -17.95 20.40 3.96
C TYR A 95 -17.39 19.95 2.61
N LEU A 96 -16.81 18.76 2.56
CA LEU A 96 -16.22 18.20 1.34
C LEU A 96 -16.84 16.89 0.99
N GLN A 97 -17.98 16.56 1.61
CA GLN A 97 -18.60 15.30 1.34
C GLN A 97 -19.12 15.14 -0.09
N PHE A 98 -19.31 13.89 -0.50
CA PHE A 98 -19.83 13.53 -1.82
C PHE A 98 -19.01 14.11 -2.97
N ASN A 99 -17.71 13.88 -2.94
CA ASN A 99 -16.80 14.29 -4.02
C ASN A 99 -16.05 13.06 -4.51
N GLU A 100 -14.93 13.24 -5.21
CA GLU A 100 -14.11 12.13 -5.69
C GLU A 100 -12.68 12.29 -5.16
N ILE A 101 -12.57 12.74 -3.92
CA ILE A 101 -11.27 13.00 -3.32
C ILE A 101 -10.60 11.67 -2.92
N GLU A 102 -9.31 11.57 -3.22
CA GLU A 102 -8.50 10.39 -2.90
C GLU A 102 -7.44 10.65 -1.84
N ALA A 103 -6.98 11.87 -1.73
CA ALA A 103 -5.85 12.21 -0.92
C ALA A 103 -6.22 13.38 -0.02
N VAL A 104 -5.57 13.44 1.13
CA VAL A 104 -5.67 14.59 2.03
C VAL A 104 -4.27 15.13 2.24
N THR A 105 -3.98 16.27 1.60
CA THR A 105 -2.62 16.78 1.56
C THR A 105 -2.50 17.97 2.46
N ALA A 106 -1.33 18.13 3.06
CA ALA A 106 -1.01 19.26 3.93
C ALA A 106 -1.16 20.62 3.28
N ASN A 107 -0.81 20.76 2.00
CA ASN A 107 -0.83 22.07 1.33
C ASN A 107 -2.21 22.74 1.34
N SER A 108 -3.28 21.94 1.25
CA SER A 108 -4.65 22.45 1.30
C SER A 108 -5.03 23.10 2.64
N PHE A 109 -4.46 22.64 3.75
CA PHE A 109 -4.90 23.01 5.11
C PHE A 109 -3.93 23.91 5.84
N ILE A 110 -2.89 24.36 5.15
CA ILE A 110 -1.74 24.91 5.85
C ILE A 110 -2.05 26.10 6.77
N ASN A 111 -2.95 26.96 6.33
CA ASN A 111 -3.31 28.15 7.12
C ASN A 111 -4.61 27.99 7.90
N ALA A 112 -5.25 26.83 7.79
CA ALA A 112 -6.60 26.63 8.29
C ALA A 112 -6.60 26.10 9.72
N THR A 113 -6.04 26.90 10.61
CA THR A 113 -5.75 26.45 11.97
C THR A 113 -7.01 26.42 12.84
N HIS A 114 -8.08 27.09 12.41
CA HIS A 114 -9.31 27.15 13.19
C HIS A 114 -10.39 26.11 12.84
N LEU A 115 -10.09 25.16 11.96
CA LEU A 115 -11.06 24.13 11.61
C LEU A 115 -11.56 23.37 12.85
N LYS A 116 -12.88 23.36 13.01
CA LYS A 116 -13.55 22.63 14.08
C LYS A 116 -14.25 21.41 13.58
N GLU A 117 -14.68 21.42 12.32
CA GLU A 117 -15.46 20.38 11.76
C GLU A 117 -15.03 20.19 10.32
N ILE A 118 -14.72 18.95 9.95
CA ILE A 118 -14.41 18.58 8.57
C ILE A 118 -15.25 17.38 8.20
N ASN A 119 -16.04 17.53 7.12
CA ASN A 119 -16.76 16.40 6.56
C ASN A 119 -16.15 15.96 5.24
N LEU A 120 -15.49 14.80 5.26
CA LEU A 120 -14.86 14.20 4.08
C LEU A 120 -15.51 12.87 3.77
N SER A 121 -16.72 12.66 4.25
CA SER A 121 -17.46 11.45 3.96
C SER A 121 -17.82 11.33 2.48
N HIS A 122 -18.08 10.10 2.05
CA HIS A 122 -18.48 9.81 0.67
C HIS A 122 -17.47 10.35 -0.33
N ASN A 123 -16.22 9.92 -0.13
CA ASN A 123 -15.14 10.22 -1.07
C ASN A 123 -14.45 8.92 -1.45
N LYS A 124 -13.19 8.94 -1.89
CA LYS A 124 -12.43 7.72 -2.23
C LYS A 124 -11.06 7.73 -1.51
N ILE A 125 -11.03 8.26 -0.31
CA ILE A 125 -9.78 8.49 0.40
C ILE A 125 -9.17 7.14 0.83
N LYS A 126 -7.86 7.02 0.65
CA LYS A 126 -7.10 5.85 1.08
C LYS A 126 -6.19 6.25 2.16
N SER A 127 -5.96 5.33 3.09
CA SER A 127 -5.13 5.62 4.28
C SER A 127 -3.75 6.10 3.92
N GLN A 128 -3.16 5.43 2.93
CA GLN A 128 -1.80 5.75 2.45
C GLN A 128 -1.72 7.12 1.72
N LYS A 129 -2.85 7.76 1.43
CA LYS A 129 -2.82 9.09 0.80
C LYS A 129 -3.21 10.23 1.71
N ILE A 130 -3.26 9.97 3.02
CA ILE A 130 -3.48 11.02 4.00
C ILE A 130 -2.09 11.37 4.49
N ASP A 131 -1.68 12.61 4.28
CA ASP A 131 -0.35 13.06 4.71
C ASP A 131 -0.32 13.04 6.21
N TYR A 132 0.85 12.66 6.75
CA TYR A 132 1.15 12.65 8.14
C TYR A 132 0.94 14.03 8.71
N GLY A 133 0.19 14.05 9.79
CA GLY A 133 0.00 15.28 10.53
C GLY A 133 -1.13 16.17 10.11
N VAL A 134 -1.78 15.92 8.97
CA VAL A 134 -2.70 16.91 8.39
C VAL A 134 -3.87 17.21 9.32
N PHE A 135 -4.47 16.19 9.91
CA PHE A 135 -5.51 16.40 10.93
C PHE A 135 -4.94 16.75 12.29
N ALA A 136 -3.81 16.10 12.63
CA ALA A 136 -3.22 16.24 13.98
C ALA A 136 -2.78 17.64 14.29
N LYS A 137 -2.47 18.43 13.26
CA LYS A 137 -1.97 19.80 13.54
C LYS A 137 -3.11 20.76 13.79
N LEU A 138 -4.36 20.31 13.74
CA LEU A 138 -5.51 21.18 13.93
C LEU A 138 -5.93 21.10 15.41
N PRO A 139 -5.57 22.12 16.19
CA PRO A 139 -5.77 21.97 17.63
C PRO A 139 -7.19 22.16 18.15
N ASN A 140 -8.10 22.62 17.29
CA ASN A 140 -9.49 22.87 17.67
C ASN A 140 -10.44 21.91 16.93
N LEU A 141 -9.94 20.93 16.16
CA LEU A 141 -10.80 20.02 15.43
C LEU A 141 -11.62 19.15 16.41
N LEU A 142 -12.94 19.30 16.32
CA LEU A 142 -13.88 18.58 17.20
C LEU A 142 -14.56 17.41 16.52
N GLN A 143 -14.82 17.53 15.23
CA GLN A 143 -15.60 16.56 14.53
C GLN A 143 -14.93 16.25 13.19
N LEU A 144 -14.77 14.97 12.91
CA LEU A 144 -14.14 14.52 11.66
C LEU A 144 -14.96 13.39 11.11
N HIS A 145 -15.48 13.58 9.90
CA HIS A 145 -16.25 12.58 9.19
C HIS A 145 -15.39 11.99 8.06
N LEU A 146 -15.12 10.70 8.12
CA LEU A 146 -14.39 9.99 7.07
C LEU A 146 -15.14 8.72 6.64
N GLU A 147 -16.43 8.67 6.95
CA GLU A 147 -17.26 7.55 6.58
C GLU A 147 -17.44 7.48 5.07
N HIS A 148 -17.69 6.28 4.56
CA HIS A 148 -17.83 6.02 3.13
C HIS A 148 -16.60 6.47 2.33
N ASN A 149 -15.45 5.91 2.72
CA ASN A 149 -14.19 6.11 1.99
C ASN A 149 -13.56 4.74 1.71
N ASN A 150 -12.25 4.65 1.49
CA ASN A 150 -11.58 3.35 1.27
C ASN A 150 -10.44 3.17 2.23
N LEU A 151 -10.66 3.61 3.47
CA LEU A 151 -9.61 3.54 4.47
C LEU A 151 -9.40 2.07 4.85
N GLU A 152 -8.15 1.66 4.94
CA GLU A 152 -7.76 0.31 5.35
C GLU A 152 -7.20 0.30 6.73
N GLU A 153 -6.83 1.46 7.22
CA GLU A 153 -6.41 1.48 8.58
C GLU A 153 -6.93 2.69 9.33
N PHE A 154 -6.92 2.54 10.64
CA PHE A 154 -7.35 3.58 11.52
C PHE A 154 -6.39 4.75 11.39
N PRO A 155 -6.94 5.96 11.15
CA PRO A 155 -6.11 7.11 10.86
C PRO A 155 -5.39 7.59 12.10
N PHE A 156 -4.13 7.95 11.89
CA PHE A 156 -3.26 8.43 12.95
C PHE A 156 -2.18 9.29 12.29
N PRO A 157 -1.66 10.31 12.95
CA PRO A 157 -2.15 10.76 14.26
C PRO A 157 -3.40 11.64 14.11
N LEU A 158 -4.15 11.80 15.18
CA LEU A 158 -5.30 12.65 15.22
C LEU A 158 -5.17 13.64 16.33
N PRO A 159 -5.83 14.80 16.22
CA PRO A 159 -5.70 15.77 17.31
C PRO A 159 -6.48 15.31 18.53
N LYS A 160 -5.94 15.61 19.70
CA LYS A 160 -6.50 15.20 20.99
C LYS A 160 -7.76 15.96 21.30
N SER A 161 -8.04 17.08 20.61
CA SER A 161 -9.29 17.83 20.78
C SER A 161 -10.50 17.06 20.22
N LEU A 162 -10.28 16.01 19.42
CA LEU A 162 -11.37 15.36 18.76
C LEU A 162 -12.47 14.79 19.66
N GLU A 163 -13.70 15.09 19.28
CA GLU A 163 -14.88 14.68 20.05
C GLU A 163 -15.71 13.63 19.37
N ARG A 164 -15.90 13.78 18.05
CA ARG A 164 -16.69 12.87 17.28
C ARG A 164 -15.87 12.43 16.06
N LEU A 165 -15.74 11.12 15.87
CA LEU A 165 -15.01 10.56 14.75
C LEU A 165 -15.82 9.48 14.09
N LEU A 166 -16.13 9.69 12.82
CA LEU A 166 -16.99 8.82 12.08
C LEU A 166 -16.16 8.15 10.96
N LEU A 167 -16.05 6.83 11.06
CA LEU A 167 -15.23 6.01 10.18
C LEU A 167 -16.01 4.82 9.61
N GLY A 168 -17.33 4.91 9.65
CA GLY A 168 -18.15 3.84 9.12
C GLY A 168 -17.98 3.64 7.63
N TYR A 169 -18.26 2.44 7.14
CA TYR A 169 -18.22 2.10 5.71
C TYR A 169 -16.86 2.37 5.07
N ASN A 170 -15.85 1.79 5.69
CA ASN A 170 -14.49 1.80 5.15
C ASN A 170 -14.03 0.33 5.09
N GLU A 171 -12.72 0.09 5.03
CA GLU A 171 -12.18 -1.25 4.92
C GLU A 171 -11.17 -1.46 6.02
N ILE A 172 -11.47 -0.94 7.21
CA ILE A 172 -10.46 -0.87 8.24
C ILE A 172 -10.21 -2.29 8.77
N SER A 173 -8.99 -2.77 8.52
CA SER A 173 -8.55 -4.09 9.02
C SER A 173 -7.29 -4.01 9.83
N LYS A 174 -6.80 -2.80 10.07
CA LYS A 174 -5.55 -2.60 10.77
C LYS A 174 -5.76 -1.43 11.70
N LEU A 175 -5.18 -1.55 12.88
CA LEU A 175 -5.36 -0.59 13.91
C LEU A 175 -4.10 -0.61 14.75
N GLN A 176 -3.22 0.37 14.50
CA GLN A 176 -1.88 0.30 15.03
C GLN A 176 -1.92 0.45 16.53
N THR A 177 -0.95 -0.21 17.17
CA THR A 177 -0.77 -0.22 18.61
C THR A 177 -0.65 1.21 19.06
N ASN A 178 -1.53 1.66 19.95
CA ASN A 178 -1.50 3.02 20.49
C ASN A 178 -2.16 4.11 19.61
N ALA A 179 -2.86 3.69 18.55
CA ALA A 179 -3.52 4.64 17.64
C ALA A 179 -4.60 5.50 18.31
N MET A 180 -5.18 5.02 19.39
CA MET A 180 -6.27 5.67 20.05
C MET A 180 -5.80 6.50 21.22
N ASP A 181 -4.52 6.47 21.51
CA ASP A 181 -3.99 7.17 22.66
C ASP A 181 -4.15 8.65 22.47
N GLY A 182 -4.46 9.31 23.58
CA GLY A 182 -4.64 10.75 23.54
C GLY A 182 -6.02 11.20 23.16
N LEU A 183 -6.87 10.32 22.60
CA LEU A 183 -8.25 10.67 22.23
C LEU A 183 -9.18 10.62 23.48
N VAL A 184 -8.78 11.38 24.50
CA VAL A 184 -9.41 11.43 25.77
C VAL A 184 -10.64 12.33 25.79
N ASN A 185 -10.87 13.05 24.70
CA ASN A 185 -12.05 13.87 24.57
C ASN A 185 -13.12 13.25 23.66
N LEU A 186 -12.85 12.08 23.14
CA LEU A 186 -13.76 11.47 22.20
C LEU A 186 -15.04 11.00 22.93
N THR A 187 -16.18 11.44 22.42
CA THR A 187 -17.47 11.00 22.94
C THR A 187 -18.20 10.04 22.03
N MET A 188 -17.91 10.10 20.74
CA MET A 188 -18.58 9.29 19.77
C MET A 188 -17.54 8.74 18.77
N LEU A 189 -17.53 7.43 18.64
CA LEU A 189 -16.65 6.73 17.72
C LEU A 189 -17.47 5.73 16.91
N ASP A 190 -17.55 5.97 15.61
CA ASP A 190 -18.32 5.10 14.73
C ASP A 190 -17.36 4.31 13.80
N LEU A 191 -17.34 3.00 13.98
CA LEU A 191 -16.52 2.09 13.20
C LEU A 191 -17.37 1.02 12.53
N CYS A 192 -18.65 1.30 12.33
CA CYS A 192 -19.58 0.34 11.72
C CYS A 192 -19.14 0.04 10.27
N TYR A 193 -19.40 -1.16 9.78
CA TYR A 193 -19.10 -1.51 8.38
C TYR A 193 -17.61 -1.36 8.02
N ASN A 194 -16.81 -2.12 8.73
CA ASN A 194 -15.38 -2.20 8.56
C ASN A 194 -14.96 -3.69 8.66
N TYR A 195 -13.67 -3.95 8.81
CA TYR A 195 -13.16 -5.33 8.82
C TYR A 195 -12.40 -5.59 10.12
N LEU A 196 -12.88 -5.04 11.22
CA LEU A 196 -12.23 -5.28 12.50
C LEU A 196 -12.48 -6.71 13.00
N HIS A 197 -11.51 -7.25 13.70
CA HIS A 197 -11.55 -8.61 14.24
C HIS A 197 -10.92 -8.57 15.62
N ASP A 198 -11.16 -9.60 16.43
CA ASP A 198 -10.87 -9.55 17.86
C ASP A 198 -9.45 -9.17 18.23
N SER A 199 -8.47 -9.63 17.46
CA SER A 199 -7.07 -9.36 17.82
C SER A 199 -6.74 -7.87 17.79
N LEU A 200 -7.45 -7.10 16.96
CA LEU A 200 -7.23 -5.65 16.91
C LEU A 200 -7.69 -4.95 18.20
N LEU A 201 -8.67 -5.52 18.88
CA LEU A 201 -9.29 -4.91 20.05
C LEU A 201 -8.86 -5.52 21.39
N LYS A 202 -8.08 -6.59 21.35
CA LYS A 202 -7.80 -7.39 22.56
C LYS A 202 -7.03 -6.63 23.65
N ASP A 203 -6.16 -5.70 23.27
CA ASP A 203 -5.38 -4.97 24.27
C ASP A 203 -6.11 -3.77 24.88
N LYS A 204 -7.45 -3.83 24.99
CA LYS A 204 -8.24 -2.83 25.69
C LYS A 204 -7.99 -1.44 25.11
N ILE A 205 -8.10 -1.34 23.78
CA ILE A 205 -7.61 -0.15 23.06
C ILE A 205 -8.44 1.11 23.32
N PHE A 206 -9.70 0.93 23.69
CA PHE A 206 -10.61 2.03 23.99
C PHE A 206 -10.53 2.50 25.42
N ALA A 207 -9.72 1.85 26.25
CA ALA A 207 -9.80 2.03 27.71
C ALA A 207 -9.54 3.41 28.24
N LYS A 208 -8.66 4.15 27.56
CA LYS A 208 -8.32 5.52 28.01
C LYS A 208 -9.31 6.57 27.49
N MET A 209 -10.26 6.19 26.65
CA MET A 209 -11.25 7.13 26.15
C MET A 209 -12.35 7.27 27.21
N GLU A 210 -12.03 8.00 28.28
CA GLU A 210 -12.86 8.01 29.47
C GLU A 210 -14.00 8.99 29.41
N LYS A 211 -14.17 9.67 28.28
CA LYS A 211 -15.42 10.39 27.98
C LYS A 211 -16.30 9.72 26.93
N LEU A 212 -15.91 8.53 26.45
CA LEU A 212 -16.59 7.89 25.34
C LEU A 212 -17.99 7.49 25.80
N MET A 213 -18.98 8.01 25.08
CA MET A 213 -20.39 7.73 25.37
C MET A 213 -20.93 6.69 24.40
N GLN A 214 -20.51 6.78 23.12
CA GLN A 214 -21.09 5.95 22.10
C GLN A 214 -20.00 5.29 21.26
N LEU A 215 -20.07 3.97 21.15
CA LEU A 215 -19.20 3.18 20.32
C LEU A 215 -20.01 2.27 19.38
N ASN A 216 -19.89 2.53 18.09
CA ASN A 216 -20.53 1.72 17.05
C ASN A 216 -19.49 0.76 16.39
N LEU A 217 -19.61 -0.54 16.66
CA LEU A 217 -18.75 -1.58 16.11
C LEU A 217 -19.54 -2.61 15.31
N CYS A 218 -20.67 -2.19 14.77
CA CYS A 218 -21.52 -3.06 14.01
C CYS A 218 -20.93 -3.39 12.63
N SER A 219 -21.37 -4.53 12.11
CA SER A 219 -21.02 -5.01 10.78
C SER A 219 -19.51 -5.05 10.58
N ASN A 220 -18.84 -5.72 11.50
CA ASN A 220 -17.42 -6.02 11.44
C ASN A 220 -17.22 -7.55 11.45
N ARG A 221 -16.08 -8.04 11.94
CA ARG A 221 -15.79 -9.47 11.93
C ARG A 221 -15.39 -9.89 13.32
N LEU A 222 -16.11 -9.40 14.31
CA LEU A 222 -15.80 -9.67 15.68
C LEU A 222 -16.43 -11.00 16.07
N GLU A 223 -15.68 -11.79 16.83
CA GLU A 223 -16.16 -13.06 17.37
C GLU A 223 -16.36 -13.02 18.89
N SER A 224 -15.88 -11.97 19.53
CA SER A 224 -15.98 -11.78 20.96
C SER A 224 -16.40 -10.35 21.30
N MET A 225 -16.92 -10.22 22.52
CA MET A 225 -17.24 -8.91 23.08
C MET A 225 -15.91 -8.18 23.27
N PRO A 226 -15.84 -6.92 22.84
CA PRO A 226 -14.60 -6.19 23.06
C PRO A 226 -14.28 -6.04 24.55
N PRO A 227 -13.05 -6.40 24.95
CA PRO A 227 -12.69 -6.29 26.34
C PRO A 227 -12.23 -4.89 26.74
N GLY A 228 -12.36 -4.59 28.04
CA GLY A 228 -11.87 -3.34 28.62
C GLY A 228 -12.43 -2.04 28.06
N LEU A 229 -13.69 -2.03 27.66
CA LEU A 229 -14.37 -0.81 27.27
C LEU A 229 -14.43 0.20 28.45
N PRO A 230 -14.35 1.50 28.16
CA PRO A 230 -14.38 2.47 29.25
C PRO A 230 -15.72 2.52 29.97
N SER A 231 -15.66 2.79 31.27
CA SER A 231 -16.85 2.78 32.13
C SER A 231 -17.80 3.95 31.91
N SER A 232 -17.41 4.94 31.12
CA SER A 232 -18.31 6.01 30.70
C SER A 232 -19.39 5.60 29.69
N LEU A 233 -19.25 4.44 29.06
CA LEU A 233 -20.00 4.12 27.89
C LEU A 233 -21.48 3.96 28.16
N MET A 234 -22.27 4.58 27.29
CA MET A 234 -23.71 4.51 27.38
C MET A 234 -24.40 3.82 26.22
N TYR A 235 -23.80 3.82 25.05
CA TYR A 235 -24.38 3.21 23.87
C TYR A 235 -23.30 2.33 23.19
N LEU A 236 -23.60 1.04 23.05
CA LEU A 236 -22.71 0.05 22.47
C LEU A 236 -23.47 -0.69 21.37
N SER A 237 -23.04 -0.52 20.12
CA SER A 237 -23.57 -1.37 19.03
C SER A 237 -22.53 -2.38 18.57
N LEU A 238 -22.94 -3.66 18.62
CA LEU A 238 -22.17 -4.79 18.14
C LEU A 238 -22.97 -5.63 17.17
N GLU A 239 -23.99 -5.02 16.59
CA GLU A 239 -24.86 -5.69 15.65
C GLU A 239 -24.07 -6.24 14.47
N ASN A 240 -24.54 -7.40 13.94
CA ASN A 240 -24.01 -8.00 12.72
C ASN A 240 -22.53 -8.33 12.81
N ASN A 241 -22.16 -9.03 13.88
CA ASN A 241 -20.86 -9.63 14.01
C ASN A 241 -21.09 -11.16 14.15
N SER A 242 -20.18 -11.89 14.78
CA SER A 242 -20.34 -13.33 14.99
C SER A 242 -20.07 -13.67 16.46
N ILE A 243 -20.62 -12.86 17.35
CA ILE A 243 -20.38 -13.05 18.77
C ILE A 243 -21.33 -14.17 19.23
N SER A 244 -20.78 -15.08 20.01
CA SER A 244 -21.53 -16.29 20.41
C SER A 244 -21.74 -16.42 21.91
N SER A 245 -20.83 -15.84 22.70
CA SER A 245 -20.98 -15.77 24.14
C SER A 245 -20.66 -14.35 24.65
N ILE A 246 -20.99 -14.15 25.92
CA ILE A 246 -20.66 -12.96 26.68
C ILE A 246 -20.01 -13.47 27.93
N PRO A 247 -18.82 -13.00 28.26
CA PRO A 247 -18.20 -13.55 29.49
C PRO A 247 -18.93 -13.12 30.76
N GLU A 248 -18.85 -13.95 31.79
CA GLU A 248 -19.61 -13.73 33.04
C GLU A 248 -19.76 -12.30 33.56
N LYS A 249 -18.70 -11.64 34.00
CA LYS A 249 -18.83 -10.32 34.64
C LYS A 249 -18.58 -9.16 33.62
N TYR A 250 -19.05 -9.32 32.40
CA TYR A 250 -18.62 -8.43 31.32
C TYR A 250 -19.13 -7.03 31.58
N PHE A 251 -20.39 -6.94 32.01
CA PHE A 251 -21.03 -5.65 32.21
C PHE A 251 -20.79 -4.96 33.58
N ASP A 252 -20.00 -5.57 34.46
CA ASP A 252 -19.78 -5.05 35.81
C ASP A 252 -19.19 -3.63 35.80
N LYS A 253 -18.25 -3.39 34.89
CA LYS A 253 -17.64 -2.08 34.78
C LYS A 253 -18.20 -1.25 33.61
N LEU A 254 -19.42 -1.57 33.16
CA LEU A 254 -20.18 -0.78 32.24
C LEU A 254 -21.54 -0.40 32.85
N PRO A 255 -21.54 0.23 34.06
CA PRO A 255 -22.81 0.51 34.74
C PRO A 255 -23.65 1.58 34.07
N LYS A 256 -23.05 2.41 33.21
CA LYS A 256 -23.80 3.47 32.54
C LYS A 256 -24.50 3.06 31.29
N LEU A 257 -24.39 1.79 30.89
CA LEU A 257 -24.92 1.36 29.61
C LEU A 257 -26.44 1.54 29.57
N HIS A 258 -26.88 2.32 28.59
CA HIS A 258 -28.24 2.67 28.32
C HIS A 258 -28.80 1.90 27.14
N THR A 259 -28.00 1.74 26.09
CA THR A 259 -28.42 1.08 24.86
C THR A 259 -27.36 0.03 24.50
N LEU A 260 -27.84 -1.21 24.35
CA LEU A 260 -27.03 -2.33 23.92
C LEU A 260 -27.68 -2.96 22.72
N ARG A 261 -26.98 -2.91 21.59
CA ARG A 261 -27.46 -3.47 20.33
C ARG A 261 -26.58 -4.61 19.90
N MET A 262 -27.16 -5.81 19.97
CA MET A 262 -26.47 -7.05 19.67
C MET A 262 -27.24 -7.93 18.72
N SER A 263 -28.14 -7.33 17.95
CA SER A 263 -28.87 -8.09 17.00
C SER A 263 -27.91 -8.70 15.93
N HIS A 264 -28.32 -9.84 15.35
CA HIS A 264 -27.61 -10.52 14.23
C HIS A 264 -26.24 -10.92 14.67
N ASN A 265 -26.17 -11.63 15.79
CA ASN A 265 -24.99 -12.32 16.23
C ASN A 265 -25.38 -13.79 16.42
N LYS A 266 -24.59 -14.57 17.16
CA LYS A 266 -24.85 -15.99 17.38
C LYS A 266 -25.06 -16.30 18.87
N LEU A 267 -25.74 -15.42 19.60
CA LEU A 267 -25.82 -15.59 21.05
C LEU A 267 -26.73 -16.81 21.40
N GLN A 268 -26.23 -17.66 22.28
CA GLN A 268 -27.08 -18.77 22.75
C GLN A 268 -27.13 -19.03 24.25
N ASP A 269 -26.06 -19.56 24.84
CA ASP A 269 -26.08 -19.92 26.25
C ASP A 269 -25.42 -18.82 27.07
N ILE A 270 -26.10 -17.68 27.12
CA ILE A 270 -25.60 -16.53 27.82
C ILE A 270 -25.77 -16.75 29.32
N PRO A 271 -24.89 -16.16 30.13
CA PRO A 271 -25.06 -16.31 31.56
C PRO A 271 -26.42 -15.82 32.04
N TYR A 272 -26.96 -16.58 32.99
CA TYR A 272 -28.05 -16.17 33.86
C TYR A 272 -27.70 -14.79 34.50
N ASN A 273 -28.65 -13.90 34.27
CA ASN A 273 -28.58 -12.48 34.68
C ASN A 273 -27.40 -11.69 34.09
N ILE A 274 -26.95 -12.06 32.89
CA ILE A 274 -25.95 -11.25 32.16
C ILE A 274 -26.48 -9.84 31.85
N PHE A 275 -27.77 -9.75 31.51
CA PHE A 275 -28.45 -8.51 31.29
C PHE A 275 -29.18 -7.93 32.51
N ASN A 276 -28.78 -8.23 33.72
CA ASN A 276 -29.27 -7.50 34.89
C ASN A 276 -28.39 -6.22 35.03
N LEU A 277 -28.81 -5.23 34.30
CA LEU A 277 -28.02 -4.02 34.06
C LEU A 277 -28.79 -2.79 34.60
N PRO A 278 -28.20 -2.01 35.54
CA PRO A 278 -29.04 -1.09 36.29
C PRO A 278 -29.53 0.13 35.51
N ASN A 279 -28.86 0.52 34.39
CA ASN A 279 -29.31 1.72 33.65
C ASN A 279 -29.70 1.48 32.21
N ILE A 280 -29.85 0.20 31.84
CA ILE A 280 -30.21 -0.16 30.50
C ILE A 280 -31.65 0.27 30.22
N VAL A 281 -31.85 0.88 29.07
CA VAL A 281 -33.12 1.38 28.59
C VAL A 281 -33.56 0.64 27.32
N GLU A 282 -32.64 0.38 26.41
CA GLU A 282 -32.89 -0.37 25.18
C GLU A 282 -31.97 -1.56 25.12
N LEU A 283 -32.55 -2.76 24.96
CA LEU A 283 -31.82 -4.00 24.76
C LEU A 283 -32.32 -4.66 23.49
N SER A 284 -31.42 -4.79 22.52
CA SER A 284 -31.75 -5.30 21.17
C SER A 284 -30.92 -6.55 20.95
N VAL A 285 -31.57 -7.72 21.02
CA VAL A 285 -30.90 -9.02 20.88
C VAL A 285 -31.62 -9.89 19.86
N GLY A 286 -32.33 -9.27 18.93
CA GLY A 286 -32.92 -9.99 17.82
C GLY A 286 -31.92 -10.75 16.95
N HIS A 287 -32.45 -11.71 16.16
CA HIS A 287 -31.68 -12.51 15.19
C HIS A 287 -30.45 -13.10 15.84
N ASN A 288 -30.67 -13.81 16.94
CA ASN A 288 -29.63 -14.55 17.62
C ASN A 288 -30.19 -15.99 17.83
N LYS A 289 -29.61 -16.78 18.75
CA LYS A 289 -30.11 -18.14 19.00
C LYS A 289 -30.53 -18.33 20.48
N LEU A 290 -31.24 -17.36 21.02
CA LEU A 290 -31.65 -17.43 22.41
C LEU A 290 -32.88 -18.33 22.53
N LYS A 291 -32.82 -19.22 23.51
CA LYS A 291 -33.90 -20.20 23.78
C LYS A 291 -34.87 -19.75 24.88
N GLN A 292 -34.41 -18.93 25.82
CA GLN A 292 -35.19 -18.55 27.01
C GLN A 292 -35.28 -17.05 27.22
N ALA A 293 -36.36 -16.61 27.85
CA ALA A 293 -36.42 -15.26 28.43
C ALA A 293 -35.50 -15.19 29.63
N PHE A 294 -35.26 -13.97 30.07
CA PHE A 294 -34.32 -13.71 31.18
C PHE A 294 -34.94 -12.60 32.04
N TYR A 295 -34.38 -12.42 33.23
CA TYR A 295 -34.75 -11.34 34.16
C TYR A 295 -34.70 -9.98 33.49
N ILE A 296 -35.82 -9.25 33.48
CA ILE A 296 -35.88 -7.92 32.94
C ILE A 296 -35.50 -6.89 33.99
N PRO A 297 -34.47 -6.07 33.75
CA PRO A 297 -34.07 -5.10 34.79
C PRO A 297 -35.03 -3.94 34.86
N ARG A 298 -35.02 -3.28 35.98
CA ARG A 298 -36.01 -2.25 36.30
C ARG A 298 -36.03 -1.10 35.31
N ASN A 299 -34.83 -0.71 34.90
CA ASN A 299 -34.74 0.46 34.03
C ASN A 299 -35.15 0.21 32.61
N LEU A 300 -35.22 -1.05 32.18
CA LEU A 300 -35.44 -1.35 30.74
C LEU A 300 -36.76 -0.81 30.25
N GLU A 301 -36.76 -0.20 29.08
CA GLU A 301 -37.99 0.24 28.41
C GLU A 301 -38.34 -0.57 27.17
N HIS A 302 -37.36 -0.86 26.31
CA HIS A 302 -37.60 -1.49 25.00
C HIS A 302 -36.76 -2.75 24.91
N LEU A 303 -37.41 -3.85 24.55
CA LEU A 303 -36.79 -5.16 24.50
C LEU A 303 -37.08 -5.74 23.14
N TYR A 304 -36.04 -6.05 22.37
CA TYR A 304 -36.17 -6.56 20.99
C TYR A 304 -35.62 -7.95 20.99
N LEU A 305 -36.52 -8.92 20.84
CA LEU A 305 -36.20 -10.34 20.91
C LEU A 305 -36.60 -11.09 19.64
N GLN A 306 -36.98 -10.37 18.58
CA GLN A 306 -37.37 -11.03 17.35
C GLN A 306 -36.35 -12.05 16.83
N ASN A 307 -36.84 -13.02 16.08
CA ASN A 307 -36.00 -13.96 15.32
C ASN A 307 -34.98 -14.64 16.22
N ASN A 308 -35.45 -15.15 17.35
CA ASN A 308 -34.63 -16.05 18.18
C ASN A 308 -35.29 -17.43 18.20
N GLU A 309 -34.91 -18.30 19.14
CA GLU A 309 -35.42 -19.69 19.21
C GLU A 309 -36.22 -19.87 20.53
N ILE A 310 -37.10 -18.90 20.83
CA ILE A 310 -37.83 -18.93 22.11
C ILE A 310 -39.17 -19.67 21.95
N GLU A 311 -39.35 -20.70 22.78
CA GLU A 311 -40.61 -21.48 22.75
C GLU A 311 -41.66 -20.88 23.70
N LYS A 312 -41.22 -20.38 24.86
CA LYS A 312 -42.10 -19.68 25.81
C LYS A 312 -41.38 -18.59 26.60
N MET A 313 -42.06 -17.47 26.77
CA MET A 313 -41.60 -16.39 27.64
C MET A 313 -42.03 -16.68 29.10
N ASN A 314 -41.13 -17.32 29.86
CA ASN A 314 -41.34 -17.63 31.25
C ASN A 314 -41.43 -16.36 32.15
N LEU A 315 -42.68 -15.99 32.46
CA LEU A 315 -42.98 -14.78 33.20
C LEU A 315 -42.37 -14.71 34.58
N THR A 316 -42.19 -15.85 35.21
CA THR A 316 -41.56 -15.92 36.53
C THR A 316 -40.06 -15.58 36.49
N VAL A 317 -39.41 -15.95 35.38
CA VAL A 317 -38.01 -15.61 35.17
C VAL A 317 -37.89 -14.12 34.83
N MET A 318 -38.77 -13.63 33.97
CA MET A 318 -38.85 -12.22 33.62
C MET A 318 -39.07 -11.32 34.82
N CYS A 319 -39.90 -11.77 35.77
CA CYS A 319 -40.30 -10.97 36.94
C CYS A 319 -40.60 -11.90 38.09
N PRO A 320 -39.58 -12.23 38.91
CA PRO A 320 -39.79 -13.10 40.07
C PRO A 320 -40.54 -12.45 41.23
N SER A 321 -40.54 -11.13 41.31
CA SER A 321 -41.24 -10.44 42.40
C SER A 321 -41.73 -9.06 41.94
N ILE A 322 -42.91 -8.70 42.41
CA ILE A 322 -43.51 -7.41 42.18
C ILE A 322 -43.23 -6.55 43.41
N ASP A 323 -42.58 -5.41 43.18
CA ASP A 323 -42.42 -4.37 44.19
C ASP A 323 -43.31 -3.20 43.77
N PRO A 324 -44.48 -3.02 44.44
CA PRO A 324 -45.41 -1.95 44.05
C PRO A 324 -44.92 -0.50 44.32
N LEU A 325 -43.81 -0.36 45.04
CA LEU A 325 -43.22 0.95 45.23
C LEU A 325 -42.33 1.37 44.05
N HIS A 326 -41.79 0.39 43.28
CA HIS A 326 -41.02 0.73 42.03
C HIS A 326 -41.25 -0.36 40.98
N TYR A 327 -42.21 -0.02 40.14
CA TYR A 327 -42.58 -0.88 39.05
C TYR A 327 -41.49 -0.75 37.96
N HIS A 328 -41.28 -1.87 37.25
CA HIS A 328 -40.31 -1.93 36.16
C HIS A 328 -40.82 -1.00 35.05
N HIS A 329 -39.89 -0.41 34.32
CA HIS A 329 -40.22 0.62 33.33
C HIS A 329 -40.65 0.06 31.97
N LEU A 330 -40.70 -1.26 31.82
CA LEU A 330 -40.89 -1.86 30.48
C LEU A 330 -42.12 -1.37 29.77
N THR A 331 -41.93 -1.00 28.53
CA THR A 331 -42.90 -0.35 27.66
C THR A 331 -43.18 -1.10 26.33
N TYR A 332 -42.20 -1.85 25.83
CA TYR A 332 -42.28 -2.41 24.47
C TYR A 332 -41.49 -3.70 24.39
N ILE A 333 -42.16 -4.75 23.91
CA ILE A 333 -41.55 -6.04 23.66
C ILE A 333 -41.87 -6.42 22.24
N ARG A 334 -40.87 -6.94 21.54
CA ARG A 334 -40.97 -7.45 20.20
C ARG A 334 -40.49 -8.89 20.25
N VAL A 335 -41.37 -9.82 19.88
CA VAL A 335 -41.04 -11.27 19.92
C VAL A 335 -41.46 -12.03 18.65
N ASP A 336 -41.78 -11.31 17.57
CA ASP A 336 -42.07 -11.97 16.29
C ASP A 336 -40.95 -12.87 15.83
N GLN A 337 -41.33 -13.91 15.09
CA GLN A 337 -40.39 -14.89 14.51
C GLN A 337 -39.61 -15.66 15.55
N ASN A 338 -40.25 -15.89 16.69
CA ASN A 338 -39.79 -16.92 17.61
C ASN A 338 -40.66 -18.18 17.39
N LYS A 339 -40.62 -19.15 18.30
CA LYS A 339 -41.47 -20.37 18.22
C LYS A 339 -42.52 -20.35 19.35
N LEU A 340 -43.24 -19.25 19.51
CA LEU A 340 -44.29 -19.15 20.53
C LEU A 340 -45.60 -19.67 19.94
N LYS A 341 -46.30 -20.53 20.68
CA LYS A 341 -47.64 -21.01 20.28
C LYS A 341 -48.77 -20.06 20.69
N GLU A 342 -48.62 -19.36 21.82
CA GLU A 342 -49.67 -18.49 22.37
C GLU A 342 -49.08 -17.18 22.88
N PRO A 343 -49.91 -16.11 23.02
CA PRO A 343 -49.44 -14.88 23.67
C PRO A 343 -48.84 -15.10 25.05
N ILE A 344 -48.11 -14.10 25.54
CA ILE A 344 -47.49 -14.20 26.86
C ILE A 344 -48.64 -14.12 27.89
N SER A 345 -48.46 -14.79 29.03
CA SER A 345 -49.39 -14.74 30.17
C SER A 345 -49.89 -13.30 30.44
N SER A 346 -51.21 -13.15 30.63
CA SER A 346 -51.80 -11.83 30.88
C SER A 346 -51.30 -11.18 32.19
N TYR A 347 -50.74 -11.99 33.11
CA TYR A 347 -50.13 -11.47 34.32
C TYR A 347 -48.90 -10.58 34.11
N ILE A 348 -48.37 -10.52 32.88
CA ILE A 348 -47.26 -9.64 32.56
C ILE A 348 -47.61 -8.19 32.87
N PHE A 349 -48.86 -7.80 32.62
CA PHE A 349 -49.33 -6.42 32.82
C PHE A 349 -49.31 -6.00 34.31
N PHE A 350 -49.32 -6.96 35.22
CA PHE A 350 -49.21 -6.66 36.67
C PHE A 350 -47.80 -6.47 37.14
N CYS A 351 -46.82 -7.06 36.49
CA CYS A 351 -45.43 -6.79 36.82
C CYS A 351 -44.88 -5.60 36.03
N PHE A 352 -45.39 -5.44 34.82
CA PHE A 352 -44.94 -4.44 33.88
C PHE A 352 -46.10 -3.57 33.48
N PRO A 353 -46.60 -2.73 34.42
CA PRO A 353 -47.81 -1.96 34.14
C PRO A 353 -47.71 -0.93 33.05
N HIS A 354 -46.50 -0.56 32.64
CA HIS A 354 -46.36 0.44 31.58
C HIS A 354 -46.25 -0.17 30.17
N ILE A 355 -46.38 -1.51 30.02
CA ILE A 355 -46.31 -2.11 28.69
C ILE A 355 -47.43 -1.54 27.85
N HIS A 356 -47.07 -0.89 26.73
CA HIS A 356 -48.04 -0.39 25.79
C HIS A 356 -48.18 -1.25 24.52
N THR A 357 -47.17 -2.04 24.17
CA THR A 357 -47.25 -2.90 22.95
C THR A 357 -46.40 -4.17 23.10
N ILE A 358 -46.96 -5.30 22.66
CA ILE A 358 -46.19 -6.54 22.54
C ILE A 358 -46.39 -7.03 21.10
N TYR A 359 -45.39 -6.83 20.23
CA TYR A 359 -45.50 -7.26 18.85
C TYR A 359 -45.16 -8.73 18.70
N TYR A 360 -46.13 -9.51 18.21
CA TYR A 360 -46.00 -10.98 18.04
C TYR A 360 -45.73 -11.41 16.59
N GLY A 361 -46.17 -10.63 15.60
CA GLY A 361 -46.05 -10.99 14.18
C GLY A 361 -46.51 -12.43 13.95
N GLU A 362 -45.79 -13.18 13.10
CA GLU A 362 -46.00 -14.64 13.01
C GLU A 362 -44.83 -15.37 13.67
N GLN A 363 -45.04 -16.66 13.95
CA GLN A 363 -44.05 -17.55 14.56
C GLN A 363 -43.90 -18.82 13.69
N THR B 57 27.66 -19.58 -8.25
CA THR B 57 27.10 -19.26 -9.62
C THR B 57 27.04 -20.48 -10.57
N LEU B 58 25.94 -20.60 -11.34
CA LEU B 58 25.71 -21.63 -12.41
C LEU B 58 25.40 -23.08 -11.97
N GLY B 59 26.15 -23.62 -10.98
CA GLY B 59 25.86 -24.93 -10.38
C GLY B 59 24.96 -24.85 -9.12
N CYS B 60 25.49 -24.27 -8.06
CA CYS B 60 24.73 -23.98 -6.83
C CYS B 60 25.03 -22.54 -6.40
N VAL B 61 24.60 -22.18 -5.21
CA VAL B 61 24.78 -20.86 -4.65
C VAL B 61 25.48 -21.10 -3.32
N SER B 62 26.48 -20.30 -2.98
CA SER B 62 27.33 -20.59 -1.80
C SER B 62 26.51 -20.69 -0.49
N GLU B 63 25.49 -19.84 -0.37
CA GLU B 63 24.58 -19.88 0.78
C GLU B 63 23.63 -21.10 0.84
N CYS B 64 23.51 -21.87 -0.22
CA CYS B 64 22.61 -23.04 -0.24
C CYS B 64 23.40 -24.32 -0.47
N PHE B 65 22.73 -25.46 -0.46
CA PHE B 65 23.35 -26.76 -0.63
C PHE B 65 22.68 -27.56 -1.75
N CYS B 66 23.45 -28.01 -2.75
CA CYS B 66 22.95 -28.79 -3.84
C CYS B 66 23.58 -30.19 -3.87
N PRO B 67 22.87 -31.20 -3.36
CA PRO B 67 23.48 -32.53 -3.33
C PRO B 67 23.74 -33.10 -4.73
N THR B 68 24.94 -33.61 -4.97
CA THR B 68 25.38 -34.11 -6.28
C THR B 68 24.54 -35.32 -6.76
N ASN B 69 24.06 -36.13 -5.82
CA ASN B 69 23.10 -37.21 -6.13
C ASN B 69 21.66 -36.79 -6.43
N PHE B 70 21.27 -35.57 -6.07
CA PHE B 70 19.92 -35.01 -6.39
C PHE B 70 20.17 -33.64 -6.96
N PRO B 71 20.77 -33.59 -8.15
CA PRO B 71 21.40 -32.37 -8.66
C PRO B 71 20.42 -31.25 -9.03
N SER B 72 19.16 -31.62 -9.27
CA SER B 72 18.09 -30.65 -9.48
C SER B 72 17.45 -30.09 -8.18
N SER B 73 17.98 -30.44 -6.99
CA SER B 73 17.49 -29.95 -5.69
C SER B 73 18.40 -28.92 -5.08
N MET B 74 17.83 -27.83 -4.57
CA MET B 74 18.59 -26.80 -3.90
C MET B 74 17.95 -26.48 -2.56
N TYR B 75 18.76 -26.61 -1.49
CA TYR B 75 18.35 -26.43 -0.12
C TYR B 75 18.87 -25.11 0.37
N CYS B 76 17.98 -24.17 0.60
CA CYS B 76 18.31 -22.86 1.13
C CYS B 76 17.54 -22.60 2.40
N ASP B 77 17.06 -23.66 3.02
CA ASP B 77 16.18 -23.55 4.17
C ASP B 77 16.95 -23.27 5.48
N ASN B 78 16.24 -22.70 6.46
CA ASN B 78 16.74 -22.53 7.83
C ASN B 78 18.08 -21.81 7.85
N ARG B 79 18.24 -20.75 7.06
CA ARG B 79 19.52 -20.05 6.89
C ARG B 79 19.47 -18.54 7.18
N LYS B 80 18.42 -18.11 7.89
CA LYS B 80 18.11 -16.70 8.09
C LYS B 80 18.22 -15.83 6.83
N LEU B 81 17.94 -16.39 5.65
CA LEU B 81 17.98 -15.59 4.42
C LEU B 81 16.92 -14.48 4.44
N LYS B 82 17.33 -13.32 3.94
CA LYS B 82 16.45 -12.16 3.84
C LYS B 82 15.93 -11.98 2.44
N THR B 83 16.60 -12.57 1.45
CA THR B 83 16.16 -12.47 0.09
C THR B 83 16.40 -13.81 -0.56
N ILE B 84 15.69 -14.06 -1.64
CA ILE B 84 15.80 -15.29 -2.36
C ILE B 84 17.02 -15.11 -3.25
N PRO B 85 18.00 -16.03 -3.14
CA PRO B 85 19.17 -15.92 -4.02
C PRO B 85 18.82 -16.22 -5.49
N ASN B 86 19.78 -15.98 -6.38
CA ASN B 86 19.63 -16.24 -7.80
C ASN B 86 19.56 -17.74 -7.99
N ILE B 87 18.54 -18.22 -8.70
CA ILE B 87 18.30 -19.64 -8.81
C ILE B 87 18.90 -20.14 -10.11
N PRO B 88 19.85 -21.11 -10.05
CA PRO B 88 20.38 -21.71 -11.28
C PRO B 88 19.29 -22.37 -12.13
N MET B 89 19.52 -22.42 -13.43
CA MET B 89 18.48 -22.82 -14.38
C MET B 89 18.08 -24.28 -14.34
N HIS B 90 18.93 -25.12 -13.79
CA HIS B 90 18.66 -26.55 -13.74
C HIS B 90 17.83 -26.96 -12.52
N ILE B 91 17.62 -26.05 -11.56
CA ILE B 91 16.90 -26.37 -10.32
C ILE B 91 15.43 -26.68 -10.56
N GLN B 92 14.98 -27.79 -10.00
CA GLN B 92 13.61 -28.22 -10.11
C GLN B 92 12.89 -28.23 -8.77
N GLN B 93 13.60 -28.49 -7.67
CA GLN B 93 13.03 -28.46 -6.35
C GLN B 93 13.83 -27.45 -5.54
N LEU B 94 13.14 -26.46 -4.99
CA LEU B 94 13.75 -25.31 -4.32
C LEU B 94 13.15 -25.17 -2.95
N TYR B 95 14.00 -25.26 -1.92
CA TYR B 95 13.56 -25.23 -0.53
C TYR B 95 14.07 -23.94 0.12
N LEU B 96 13.14 -23.04 0.43
CA LEU B 96 13.46 -21.74 1.04
C LEU B 96 12.72 -21.57 2.33
N GLN B 97 12.18 -22.65 2.89
CA GLN B 97 11.43 -22.53 4.11
C GLN B 97 12.26 -22.12 5.31
N PHE B 98 11.59 -21.60 6.33
CA PHE B 98 12.21 -21.18 7.59
C PHE B 98 13.32 -20.16 7.40
N ASN B 99 13.02 -19.09 6.68
CA ASN B 99 13.96 -17.97 6.49
C ASN B 99 13.29 -16.68 6.95
N GLU B 100 13.79 -15.52 6.54
CA GLU B 100 13.15 -14.25 6.88
C GLU B 100 12.81 -13.47 5.59
N ILE B 101 12.37 -14.19 4.59
CA ILE B 101 12.07 -13.61 3.30
C ILE B 101 10.76 -12.82 3.33
N GLU B 102 10.78 -11.64 2.72
CA GLU B 102 9.60 -10.76 2.66
C GLU B 102 9.04 -10.60 1.25
N ALA B 103 9.89 -10.75 0.24
CA ALA B 103 9.52 -10.44 -1.11
C ALA B 103 9.85 -11.60 -2.00
N VAL B 104 9.10 -11.72 -3.11
CA VAL B 104 9.42 -12.66 -4.17
C VAL B 104 9.55 -11.87 -5.45
N THR B 105 10.77 -11.69 -5.92
CA THR B 105 11.05 -10.79 -7.04
C THR B 105 11.43 -11.59 -8.26
N ALA B 106 11.10 -11.05 -9.42
CA ALA B 106 11.41 -11.68 -10.71
C ALA B 106 12.89 -11.94 -10.95
N ASN B 107 13.77 -11.06 -10.51
CA ASN B 107 15.22 -11.21 -10.76
C ASN B 107 15.81 -12.55 -10.25
N SER B 108 15.29 -13.04 -9.12
CA SER B 108 15.75 -14.29 -8.54
C SER B 108 15.41 -15.52 -9.40
N PHE B 109 14.32 -15.47 -10.16
CA PHE B 109 13.76 -16.64 -10.87
C PHE B 109 13.92 -16.58 -12.37
N ILE B 110 14.66 -15.60 -12.87
CA ILE B 110 14.66 -15.30 -14.28
C ILE B 110 15.09 -16.48 -15.16
N ASN B 111 16.06 -17.26 -14.71
CA ASN B 111 16.56 -18.37 -15.50
C ASN B 111 15.97 -19.70 -15.07
N ALA B 112 15.14 -19.71 -14.03
CA ALA B 112 14.75 -20.95 -13.36
C ALA B 112 13.43 -21.48 -13.92
N THR B 113 13.46 -21.78 -15.20
CA THR B 113 12.30 -22.15 -15.99
C THR B 113 11.77 -23.55 -15.65
N HIS B 114 12.61 -24.39 -15.06
CA HIS B 114 12.23 -25.78 -14.78
C HIS B 114 11.73 -26.05 -13.36
N LEU B 115 11.53 -25.03 -12.55
CA LEU B 115 11.01 -25.25 -11.19
C LEU B 115 9.70 -26.02 -11.18
N LYS B 116 9.68 -27.09 -10.42
CA LYS B 116 8.51 -27.92 -10.19
C LYS B 116 7.94 -27.76 -8.80
N GLU B 117 8.79 -27.42 -7.85
CA GLU B 117 8.42 -27.37 -6.46
C GLU B 117 9.16 -26.23 -5.82
N ILE B 118 8.42 -25.34 -5.15
CA ILE B 118 8.98 -24.25 -4.36
C ILE B 118 8.38 -24.28 -2.99
N ASN B 119 9.23 -24.38 -1.96
CA ASN B 119 8.79 -24.25 -0.57
C ASN B 119 9.25 -22.93 0.02
N LEU B 120 8.30 -22.00 0.20
CA LEU B 120 8.53 -20.69 0.80
C LEU B 120 7.78 -20.55 2.09
N SER B 121 7.42 -21.66 2.71
CA SER B 121 6.74 -21.64 4.00
C SER B 121 7.61 -21.09 5.10
N HIS B 122 6.97 -20.61 6.17
CA HIS B 122 7.66 -20.08 7.35
C HIS B 122 8.62 -18.97 6.97
N ASN B 123 8.06 -17.96 6.29
CA ASN B 123 8.82 -16.75 5.96
C ASN B 123 7.99 -15.55 6.41
N LYS B 124 8.20 -14.36 5.83
CA LYS B 124 7.42 -13.15 6.19
C LYS B 124 6.87 -12.49 4.91
N ILE B 125 6.49 -13.30 3.93
CA ILE B 125 6.12 -12.78 2.64
C ILE B 125 4.76 -12.07 2.71
N LYS B 126 4.67 -10.91 2.08
CA LYS B 126 3.40 -10.17 1.99
C LYS B 126 2.97 -10.16 0.57
N SER B 127 1.64 -10.14 0.39
CA SER B 127 1.05 -10.22 -0.95
C SER B 127 1.55 -9.11 -1.88
N GLN B 128 1.61 -7.92 -1.33
CA GLN B 128 2.09 -6.73 -2.07
C GLN B 128 3.59 -6.76 -2.42
N LYS B 129 4.36 -7.71 -1.89
CA LYS B 129 5.78 -7.85 -2.27
C LYS B 129 6.09 -9.02 -3.17
N ILE B 130 5.06 -9.63 -3.75
CA ILE B 130 5.22 -10.66 -4.75
C ILE B 130 5.08 -9.94 -6.07
N ASP B 131 6.14 -9.95 -6.87
CA ASP B 131 6.09 -9.35 -8.20
C ASP B 131 5.09 -10.08 -9.04
N TYR B 132 4.36 -9.31 -9.88
CA TYR B 132 3.34 -9.84 -10.76
C TYR B 132 4.03 -10.79 -11.70
N GLY B 133 3.44 -11.97 -11.80
CA GLY B 133 3.91 -12.94 -12.77
C GLY B 133 5.03 -13.85 -12.37
N VAL B 134 5.68 -13.64 -11.23
CA VAL B 134 6.87 -14.43 -10.87
C VAL B 134 6.58 -15.93 -10.81
N PHE B 135 5.45 -16.32 -10.21
CA PHE B 135 5.08 -17.75 -10.22
C PHE B 135 4.46 -18.17 -11.54
N ALA B 136 3.66 -17.28 -12.14
CA ALA B 136 2.95 -17.62 -13.38
C ALA B 136 3.88 -17.90 -14.54
N LYS B 137 5.09 -17.37 -14.49
CA LYS B 137 6.09 -17.59 -15.54
C LYS B 137 6.71 -18.97 -15.51
N LEU B 138 6.40 -19.78 -14.48
CA LEU B 138 7.01 -21.09 -14.32
C LEU B 138 6.03 -22.12 -14.88
N PRO B 139 6.25 -22.59 -16.11
CA PRO B 139 5.21 -23.43 -16.72
C PRO B 139 5.14 -24.88 -16.26
N ASN B 140 6.11 -25.33 -15.48
CA ASN B 140 6.16 -26.69 -14.95
C ASN B 140 5.97 -26.74 -13.42
N LEU B 141 5.66 -25.60 -12.77
CA LEU B 141 5.48 -25.56 -11.32
C LEU B 141 4.26 -26.40 -10.90
N LEU B 142 4.52 -27.42 -10.09
CA LEU B 142 3.48 -28.33 -9.61
C LEU B 142 3.06 -28.08 -8.18
N GLN B 143 3.99 -27.65 -7.34
CA GLN B 143 3.77 -27.53 -5.93
C GLN B 143 4.32 -26.22 -5.41
N LEU B 144 3.50 -25.49 -4.66
CA LEU B 144 3.91 -24.20 -4.10
C LEU B 144 3.47 -24.14 -2.67
N HIS B 145 4.45 -23.98 -1.77
CA HIS B 145 4.18 -23.84 -0.33
C HIS B 145 4.37 -22.41 0.09
N LEU B 146 3.31 -21.77 0.57
CA LEU B 146 3.39 -20.40 1.08
C LEU B 146 2.75 -20.30 2.48
N GLU B 147 2.62 -21.44 3.15
CA GLU B 147 2.08 -21.48 4.50
C GLU B 147 2.99 -20.79 5.50
N HIS B 148 2.42 -20.28 6.57
CA HIS B 148 3.14 -19.51 7.59
C HIS B 148 3.89 -18.31 6.99
N ASN B 149 3.12 -17.45 6.35
CA ASN B 149 3.62 -16.17 5.84
C ASN B 149 2.71 -15.04 6.31
N ASN B 150 2.68 -13.89 5.65
CA ASN B 150 1.78 -12.79 6.03
C ASN B 150 0.92 -12.37 4.87
N LEU B 151 0.47 -13.34 4.10
CA LEU B 151 -0.32 -13.05 2.91
C LEU B 151 -1.69 -12.56 3.38
N GLU B 152 -2.17 -11.50 2.73
CA GLU B 152 -3.50 -10.96 3.01
C GLU B 152 -4.43 -11.27 1.89
N GLU B 153 -3.88 -11.65 0.75
CA GLU B 153 -4.79 -12.04 -0.29
C GLU B 153 -4.28 -13.24 -1.04
N PHE B 154 -5.21 -13.87 -1.74
CA PHE B 154 -4.91 -15.01 -2.53
C PHE B 154 -3.95 -14.67 -3.64
N PRO B 155 -2.85 -15.42 -3.77
CA PRO B 155 -1.81 -15.08 -4.72
C PRO B 155 -2.25 -15.38 -6.13
N PHE B 156 -1.88 -14.46 -7.03
CA PHE B 156 -2.31 -14.48 -8.41
C PHE B 156 -1.35 -13.61 -9.20
N PRO B 157 -1.09 -13.90 -10.48
CA PRO B 157 -1.55 -15.10 -11.14
C PRO B 157 -0.63 -16.29 -10.78
N LEU B 158 -1.16 -17.49 -10.97
CA LEU B 158 -0.41 -18.69 -10.74
C LEU B 158 -0.39 -19.48 -12.02
N PRO B 159 0.63 -20.32 -12.20
CA PRO B 159 0.66 -21.12 -13.41
C PRO B 159 -0.39 -22.21 -13.40
N LYS B 160 -0.91 -22.52 -14.58
CA LYS B 160 -2.01 -23.45 -14.74
C LYS B 160 -1.57 -24.90 -14.48
N SER B 161 -0.26 -25.16 -14.50
CA SER B 161 0.30 -26.45 -14.17
C SER B 161 0.14 -26.82 -12.67
N LEU B 162 -0.18 -25.86 -11.82
CA LEU B 162 -0.13 -26.07 -10.40
C LEU B 162 -1.08 -27.17 -9.91
N GLU B 163 -0.53 -28.04 -9.05
CA GLU B 163 -1.26 -29.17 -8.51
C GLU B 163 -1.56 -29.07 -7.04
N ARG B 164 -0.59 -28.60 -6.27
CA ARG B 164 -0.75 -28.48 -4.83
C ARG B 164 -0.35 -27.09 -4.40
N LEU B 165 -1.25 -26.42 -3.67
CA LEU B 165 -1.02 -25.07 -3.18
C LEU B 165 -1.34 -25.01 -1.70
N LEU B 166 -0.34 -24.68 -0.90
CA LEU B 166 -0.47 -24.65 0.53
C LEU B 166 -0.35 -23.20 1.02
N LEU B 167 -1.42 -22.69 1.62
CA LEU B 167 -1.54 -21.30 2.02
C LEU B 167 -2.04 -21.16 3.47
N GLY B 168 -1.90 -22.22 4.24
CA GLY B 168 -2.30 -22.19 5.64
C GLY B 168 -1.52 -21.18 6.45
N TYR B 169 -2.11 -20.72 7.55
CA TYR B 169 -1.46 -19.80 8.50
C TYR B 169 -0.97 -18.50 7.82
N ASN B 170 -1.89 -17.85 7.16
CA ASN B 170 -1.67 -16.53 6.59
C ASN B 170 -2.79 -15.63 7.11
N GLU B 171 -3.04 -14.51 6.45
CA GLU B 171 -4.06 -13.58 6.90
C GLU B 171 -5.00 -13.29 5.75
N ILE B 172 -5.31 -14.35 5.00
CA ILE B 172 -6.01 -14.14 3.74
C ILE B 172 -7.46 -13.75 4.06
N SER B 173 -7.78 -12.50 3.68
CA SER B 173 -9.13 -11.96 3.84
C SER B 173 -9.72 -11.48 2.54
N LYS B 174 -8.99 -11.66 1.45
CA LYS B 174 -9.42 -11.15 0.16
C LYS B 174 -9.09 -12.24 -0.85
N LEU B 175 -10.06 -12.45 -1.73
CA LEU B 175 -10.01 -13.57 -2.63
C LEU B 175 -10.78 -13.14 -3.86
N GLN B 176 -10.08 -12.65 -4.87
CA GLN B 176 -10.69 -11.99 -6.01
C GLN B 176 -11.49 -13.02 -6.79
N THR B 177 -12.59 -12.56 -7.40
CA THR B 177 -13.57 -13.44 -8.00
C THR B 177 -12.99 -14.49 -8.95
N ASN B 178 -12.13 -14.08 -9.85
CA ASN B 178 -11.57 -14.98 -10.83
C ASN B 178 -10.19 -15.53 -10.48
N ALA B 179 -9.79 -15.41 -9.22
CA ALA B 179 -8.40 -15.73 -8.82
C ALA B 179 -8.06 -17.22 -8.97
N MET B 180 -9.05 -18.08 -8.91
CA MET B 180 -8.81 -19.51 -8.94
C MET B 180 -9.00 -20.07 -10.33
N ASP B 181 -9.45 -19.24 -11.25
CA ASP B 181 -9.85 -19.72 -12.59
C ASP B 181 -8.57 -20.15 -13.29
N GLY B 182 -8.67 -21.21 -14.05
CA GLY B 182 -7.48 -21.68 -14.79
C GLY B 182 -6.54 -22.58 -13.98
N LEU B 183 -6.76 -22.69 -12.66
CA LEU B 183 -6.13 -23.74 -11.82
C LEU B 183 -6.92 -25.05 -12.00
N VAL B 184 -6.86 -25.52 -13.24
CA VAL B 184 -7.60 -26.67 -13.69
C VAL B 184 -6.89 -27.97 -13.32
N ASN B 185 -5.65 -27.88 -12.87
CA ASN B 185 -4.90 -29.03 -12.46
C ASN B 185 -4.76 -29.11 -10.96
N LEU B 186 -5.33 -28.17 -10.22
CA LEU B 186 -5.14 -28.16 -8.78
C LEU B 186 -5.89 -29.35 -8.14
N THR B 187 -5.16 -30.14 -7.36
CA THR B 187 -5.76 -31.25 -6.62
C THR B 187 -5.86 -31.01 -5.14
N MET B 188 -5.01 -30.17 -4.60
CA MET B 188 -4.95 -29.91 -3.18
C MET B 188 -4.80 -28.41 -2.96
N LEU B 189 -5.70 -27.85 -2.16
CA LEU B 189 -5.69 -26.48 -1.74
C LEU B 189 -5.86 -26.40 -0.23
N ASP B 190 -4.84 -25.87 0.43
CA ASP B 190 -4.88 -25.71 1.88
C ASP B 190 -4.98 -24.22 2.24
N LEU B 191 -6.11 -23.83 2.84
CA LEU B 191 -6.37 -22.46 3.25
C LEU B 191 -6.69 -22.39 4.74
N CYS B 192 -6.23 -23.38 5.50
CA CYS B 192 -6.48 -23.44 6.95
C CYS B 192 -5.84 -22.24 7.66
N TYR B 193 -6.43 -21.74 8.73
CA TYR B 193 -5.84 -20.64 9.53
C TYR B 193 -5.63 -19.37 8.69
N ASN B 194 -6.74 -18.85 8.20
CA ASN B 194 -6.79 -17.62 7.44
C ASN B 194 -8.02 -16.82 7.91
N TYR B 195 -8.41 -15.81 7.15
CA TYR B 195 -9.54 -14.94 7.54
C TYR B 195 -10.63 -14.94 6.50
N LEU B 196 -10.89 -16.10 5.93
CA LEU B 196 -11.95 -16.20 4.93
C LEU B 196 -13.35 -16.10 5.64
N HIS B 197 -14.30 -15.50 4.93
CA HIS B 197 -15.65 -15.32 5.39
C HIS B 197 -16.59 -15.57 4.23
N ASP B 198 -17.87 -15.80 4.54
CA ASP B 198 -18.80 -16.34 3.53
C ASP B 198 -18.88 -15.60 2.24
N SER B 199 -18.84 -14.28 2.30
CA SER B 199 -19.00 -13.47 1.09
C SER B 199 -17.90 -13.73 0.06
N LEU B 200 -16.71 -14.12 0.52
CA LEU B 200 -15.62 -14.47 -0.40
C LEU B 200 -15.91 -15.72 -1.24
N LEU B 201 -16.69 -16.65 -0.67
CA LEU B 201 -16.95 -17.95 -1.27
C LEU B 201 -18.32 -18.09 -1.91
N LYS B 202 -19.18 -17.08 -1.77
CA LYS B 202 -20.59 -17.21 -2.16
C LYS B 202 -20.80 -17.41 -3.67
N ASP B 203 -19.95 -16.83 -4.50
CA ASP B 203 -20.13 -16.98 -5.96
C ASP B 203 -19.48 -18.25 -6.52
N LYS B 204 -19.46 -19.33 -5.75
CA LYS B 204 -19.03 -20.65 -6.23
C LYS B 204 -17.60 -20.61 -6.80
N ILE B 205 -16.70 -20.01 -6.01
CA ILE B 205 -15.38 -19.61 -6.49
C ILE B 205 -14.46 -20.79 -6.83
N PHE B 206 -14.68 -21.94 -6.18
CA PHE B 206 -13.86 -23.13 -6.44
C PHE B 206 -14.38 -23.97 -7.57
N ALA B 207 -15.51 -23.58 -8.17
CA ALA B 207 -16.25 -24.50 -9.06
C ALA B 207 -15.49 -24.95 -10.32
N LYS B 208 -14.59 -24.11 -10.82
CA LYS B 208 -13.78 -24.44 -12.00
C LYS B 208 -12.58 -25.36 -11.72
N MET B 209 -12.27 -25.58 -10.44
CA MET B 209 -11.20 -26.48 -10.06
C MET B 209 -11.70 -27.92 -10.12
N GLU B 210 -11.85 -28.44 -11.32
CA GLU B 210 -12.59 -29.69 -11.53
C GLU B 210 -11.76 -30.93 -11.30
N LYS B 211 -10.48 -30.76 -10.93
CA LYS B 211 -9.68 -31.86 -10.40
C LYS B 211 -9.42 -31.78 -8.91
N LEU B 212 -10.00 -30.79 -8.22
CA LEU B 212 -9.71 -30.57 -6.82
C LEU B 212 -10.23 -31.77 -6.00
N MET B 213 -9.32 -32.38 -5.26
CA MET B 213 -9.61 -33.53 -4.43
C MET B 213 -9.69 -33.19 -2.96
N GLN B 214 -8.83 -32.26 -2.54
CA GLN B 214 -8.73 -31.92 -1.15
CA GLN B 214 -8.72 -31.93 -1.15
C GLN B 214 -8.77 -30.41 -0.94
N LEU B 215 -9.67 -29.97 -0.08
CA LEU B 215 -9.86 -28.59 0.29
C LEU B 215 -9.86 -28.45 1.82
N ASN B 216 -8.88 -27.74 2.34
CA ASN B 216 -8.80 -27.35 3.73
C ASN B 216 -9.22 -25.92 3.97
N LEU B 217 -10.37 -25.72 4.59
CA LEU B 217 -10.91 -24.39 4.97
C LEU B 217 -11.08 -24.25 6.47
N CYS B 218 -10.29 -24.99 7.24
CA CYS B 218 -10.38 -24.95 8.66
C CYS B 218 -9.80 -23.67 9.27
N SER B 219 -10.29 -23.34 10.46
CA SER B 219 -9.86 -22.19 11.25
C SER B 219 -9.91 -20.91 10.45
N ASN B 220 -11.06 -20.63 9.89
CA ASN B 220 -11.35 -19.38 9.19
C ASN B 220 -12.55 -18.69 9.89
N ARG B 221 -13.33 -17.88 9.19
CA ARG B 221 -14.43 -17.12 9.81
C ARG B 221 -15.69 -17.37 9.01
N LEU B 222 -15.90 -18.63 8.65
CA LEU B 222 -17.04 -18.99 7.83
C LEU B 222 -18.25 -19.19 8.76
N GLU B 223 -19.40 -18.74 8.32
CA GLU B 223 -20.67 -18.93 9.03
C GLU B 223 -21.61 -19.88 8.29
N SER B 224 -21.27 -20.22 7.04
CA SER B 224 -22.07 -21.10 6.20
C SER B 224 -21.20 -22.11 5.47
N MET B 225 -21.83 -23.19 5.03
CA MET B 225 -21.16 -24.19 4.20
C MET B 225 -20.86 -23.50 2.87
N PRO B 226 -19.62 -23.61 2.35
CA PRO B 226 -19.36 -23.00 1.07
C PRO B 226 -20.20 -23.62 -0.05
N PRO B 227 -20.89 -22.81 -0.84
CA PRO B 227 -21.69 -23.33 -1.93
C PRO B 227 -20.88 -23.62 -3.20
N GLY B 228 -21.42 -24.51 -4.02
CA GLY B 228 -20.82 -24.83 -5.34
C GLY B 228 -19.38 -25.37 -5.35
N LEU B 229 -19.04 -26.16 -4.35
CA LEU B 229 -17.76 -26.87 -4.37
C LEU B 229 -17.74 -27.90 -5.53
N PRO B 230 -16.57 -28.13 -6.13
CA PRO B 230 -16.53 -29.03 -7.28
C PRO B 230 -16.78 -30.49 -6.87
N SER B 231 -17.43 -31.22 -7.76
CA SER B 231 -17.88 -32.57 -7.50
C SER B 231 -16.76 -33.61 -7.50
N SER B 232 -15.55 -33.23 -7.88
CA SER B 232 -14.36 -34.05 -7.72
C SER B 232 -13.88 -34.26 -6.26
N LEU B 233 -14.40 -33.48 -5.33
CA LEU B 233 -13.84 -33.38 -4.02
C LEU B 233 -14.05 -34.66 -3.22
N MET B 234 -12.98 -35.07 -2.57
CA MET B 234 -12.95 -36.23 -1.72
C MET B 234 -12.64 -35.95 -0.25
N TYR B 235 -11.97 -34.84 0.04
CA TYR B 235 -11.65 -34.46 1.37
C TYR B 235 -12.04 -32.97 1.57
N LEU B 236 -12.92 -32.71 2.56
CA LEU B 236 -13.33 -31.37 2.91
C LEU B 236 -13.15 -31.12 4.40
N SER B 237 -12.28 -30.19 4.76
CA SER B 237 -12.21 -29.72 6.16
C SER B 237 -12.77 -28.33 6.31
N LEU B 238 -13.75 -28.24 7.23
CA LEU B 238 -14.37 -26.98 7.64
C LEU B 238 -14.29 -26.82 9.16
N GLU B 239 -13.36 -27.52 9.77
CA GLU B 239 -13.17 -27.48 11.19
C GLU B 239 -12.89 -26.07 11.68
N ASN B 240 -13.37 -25.74 12.88
CA ASN B 240 -13.08 -24.47 13.57
C ASN B 240 -13.54 -23.26 12.82
N ASN B 241 -14.79 -23.27 12.40
CA ASN B 241 -15.46 -22.11 11.84
C ASN B 241 -16.67 -21.83 12.77
N SER B 242 -17.71 -21.18 12.27
CA SER B 242 -18.92 -20.91 13.06
C SER B 242 -20.15 -21.32 12.27
N ILE B 243 -20.08 -22.50 11.65
CA ILE B 243 -21.17 -22.97 10.82
C ILE B 243 -22.21 -23.55 11.78
N SER B 244 -23.47 -23.21 11.53
CA SER B 244 -24.56 -23.63 12.44
C SER B 244 -25.59 -24.54 11.81
N SER B 245 -25.75 -24.44 10.49
CA SER B 245 -26.64 -25.34 9.75
C SER B 245 -25.96 -25.88 8.48
N ILE B 246 -26.59 -26.89 7.88
CA ILE B 246 -26.17 -27.43 6.60
C ILE B 246 -27.42 -27.46 5.78
N PRO B 247 -27.42 -26.84 4.60
CA PRO B 247 -28.68 -26.81 3.87
C PRO B 247 -29.08 -28.18 3.33
N GLU B 248 -30.39 -28.39 3.18
CA GLU B 248 -30.95 -29.59 2.60
C GLU B 248 -30.29 -29.79 1.24
N LYS B 249 -29.89 -31.03 0.94
CA LYS B 249 -29.29 -31.41 -0.35
C LYS B 249 -27.89 -30.85 -0.68
N TYR B 250 -27.19 -30.40 0.34
CA TYR B 250 -25.87 -29.79 0.19
C TYR B 250 -24.91 -30.77 -0.44
N PHE B 251 -24.97 -32.02 0.01
CA PHE B 251 -24.03 -33.05 -0.42
C PHE B 251 -24.38 -33.79 -1.72
N ASP B 252 -25.50 -33.43 -2.37
CA ASP B 252 -25.94 -34.10 -3.61
C ASP B 252 -24.89 -34.08 -4.71
N LYS B 253 -24.23 -32.95 -4.88
CA LYS B 253 -23.19 -32.85 -5.90
C LYS B 253 -21.77 -32.96 -5.32
N LEU B 254 -21.63 -33.59 -4.17
CA LEU B 254 -20.36 -34.01 -3.63
C LEU B 254 -20.34 -35.54 -3.37
N PRO B 255 -20.66 -36.34 -4.41
CA PRO B 255 -20.77 -37.80 -4.20
C PRO B 255 -19.46 -38.50 -3.91
N LYS B 256 -18.33 -37.90 -4.24
CA LYS B 256 -17.05 -38.57 -4.02
C LYS B 256 -16.48 -38.33 -2.63
N LEU B 257 -17.17 -37.60 -1.78
CA LEU B 257 -16.62 -37.24 -0.49
C LEU B 257 -16.35 -38.47 0.36
N HIS B 258 -15.09 -38.59 0.76
CA HIS B 258 -14.58 -39.68 1.59
C HIS B 258 -14.35 -39.24 3.02
N THR B 259 -13.81 -38.04 3.20
CA THR B 259 -13.51 -37.51 4.53
C THR B 259 -14.14 -36.11 4.67
N LEU B 260 -15.00 -35.95 5.68
CA LEU B 260 -15.62 -34.71 6.04
C LEU B 260 -15.30 -34.36 7.47
N ARG B 261 -14.61 -33.24 7.66
CA ARG B 261 -14.23 -32.74 8.97
C ARG B 261 -14.91 -31.45 9.29
N MET B 262 -15.83 -31.52 10.25
CA MET B 262 -16.61 -30.38 10.70
C MET B 262 -16.61 -30.16 12.18
N SER B 263 -15.60 -30.69 12.83
CA SER B 263 -15.45 -30.48 14.22
C SER B 263 -15.31 -28.96 14.56
N HIS B 264 -15.72 -28.58 15.77
CA HIS B 264 -15.54 -27.22 16.33
C HIS B 264 -16.28 -26.22 15.50
N ASN B 265 -17.55 -26.48 15.24
CA ASN B 265 -18.46 -25.52 14.65
C ASN B 265 -19.65 -25.38 15.63
N LYS B 266 -20.79 -24.87 15.16
CA LYS B 266 -21.99 -24.70 15.99
C LYS B 266 -23.16 -25.53 15.47
N LEU B 267 -22.91 -26.73 14.99
CA LEU B 267 -23.98 -27.50 14.34
C LEU B 267 -25.02 -27.94 15.37
N GLN B 268 -26.30 -27.73 15.05
CA GLN B 268 -27.35 -28.17 15.98
C GLN B 268 -28.52 -28.94 15.43
N ASP B 269 -29.43 -28.30 14.71
CA ASP B 269 -30.63 -29.00 14.22
C ASP B 269 -30.46 -29.39 12.77
N ILE B 270 -29.49 -30.27 12.53
CA ILE B 270 -29.15 -30.65 11.14
C ILE B 270 -30.21 -31.59 10.61
N PRO B 271 -30.46 -31.55 9.29
CA PRO B 271 -31.42 -32.53 8.77
C PRO B 271 -30.98 -33.96 9.09
N TYR B 272 -31.95 -34.81 9.42
CA TYR B 272 -31.65 -36.14 9.98
C TYR B 272 -30.85 -37.02 8.99
N ASN B 273 -31.12 -36.87 7.69
CA ASN B 273 -30.47 -37.62 6.62
C ASN B 273 -29.37 -36.80 5.86
N ILE B 274 -28.83 -35.75 6.48
CA ILE B 274 -27.94 -34.82 5.78
C ILE B 274 -26.64 -35.52 5.37
N PHE B 275 -26.15 -36.41 6.24
CA PHE B 275 -24.97 -37.20 5.97
C PHE B 275 -25.21 -38.54 5.25
N ASN B 276 -26.24 -38.62 4.41
CA ASN B 276 -26.42 -39.82 3.59
C ASN B 276 -25.61 -39.67 2.32
N LEU B 277 -24.34 -40.01 2.45
CA LEU B 277 -23.31 -39.82 1.45
C LEU B 277 -22.77 -41.21 1.02
N PRO B 278 -22.78 -41.51 -0.28
CA PRO B 278 -22.51 -42.90 -0.66
C PRO B 278 -21.04 -43.35 -0.52
N ASN B 279 -20.06 -42.43 -0.46
CA ASN B 279 -18.65 -42.85 -0.37
C ASN B 279 -17.90 -42.36 0.86
N ILE B 280 -18.65 -41.84 1.84
CA ILE B 280 -18.04 -41.29 3.04
C ILE B 280 -17.47 -42.43 3.86
N VAL B 281 -16.24 -42.25 4.32
CA VAL B 281 -15.54 -43.21 5.13
C VAL B 281 -15.23 -42.64 6.53
N GLU B 282 -14.86 -41.37 6.63
CA GLU B 282 -14.58 -40.70 7.89
C GLU B 282 -15.47 -39.46 8.01
N LEU B 283 -16.19 -39.37 9.13
CA LEU B 283 -17.07 -38.25 9.44
C LEU B 283 -16.75 -37.74 10.83
N SER B 284 -16.33 -36.49 10.90
CA SER B 284 -15.87 -35.85 12.16
C SER B 284 -16.78 -34.67 12.43
N VAL B 285 -17.64 -34.80 13.45
CA VAL B 285 -18.55 -33.71 13.85
C VAL B 285 -18.44 -33.43 15.35
N GLY B 286 -17.32 -33.75 15.95
CA GLY B 286 -17.06 -33.38 17.32
C GLY B 286 -17.13 -31.88 17.63
N HIS B 287 -17.26 -31.54 18.91
CA HIS B 287 -17.27 -30.16 19.41
C HIS B 287 -18.24 -29.32 18.65
N ASN B 288 -19.48 -29.78 18.59
CA ASN B 288 -20.58 -29.05 17.98
C ASN B 288 -21.72 -29.02 19.02
N LYS B 289 -22.94 -28.72 18.59
CA LYS B 289 -24.08 -28.70 19.52
C LYS B 289 -25.19 -29.69 19.14
N LEU B 290 -24.79 -30.90 18.74
CA LEU B 290 -25.78 -31.89 18.29
C LEU B 290 -26.42 -32.49 19.54
N LYS B 291 -27.75 -32.58 19.50
CA LYS B 291 -28.56 -33.15 20.60
C LYS B 291 -28.95 -34.61 20.36
N GLN B 292 -29.03 -35.01 19.10
CA GLN B 292 -29.43 -36.35 18.67
C GLN B 292 -28.40 -36.93 17.68
N ALA B 293 -28.36 -38.26 17.63
CA ALA B 293 -27.70 -38.96 16.56
C ALA B 293 -28.47 -38.75 15.25
N PHE B 294 -27.85 -39.21 14.17
CA PHE B 294 -28.40 -39.07 12.83
C PHE B 294 -28.15 -40.38 12.09
N TYR B 295 -28.82 -40.54 10.95
CA TYR B 295 -28.63 -41.68 10.07
C TYR B 295 -27.17 -41.89 9.67
N ILE B 296 -26.63 -43.08 9.96
CA ILE B 296 -25.28 -43.44 9.58
C ILE B 296 -25.30 -44.08 8.19
N PRO B 297 -24.53 -43.51 7.24
CA PRO B 297 -24.53 -44.10 5.89
C PRO B 297 -23.76 -45.41 5.86
N ARG B 298 -24.09 -46.25 4.90
CA ARG B 298 -23.53 -47.61 4.87
C ARG B 298 -22.04 -47.64 4.70
N ASN B 299 -21.52 -46.71 3.91
CA ASN B 299 -20.10 -46.69 3.66
C ASN B 299 -19.23 -46.24 4.81
N LEU B 300 -19.82 -45.54 5.80
CA LEU B 300 -19.01 -44.92 6.86
C LEU B 300 -18.24 -45.94 7.67
N GLU B 301 -16.99 -45.65 7.98
CA GLU B 301 -16.19 -46.46 8.89
C GLU B 301 -15.92 -45.84 10.25
N HIS B 302 -15.57 -44.55 10.29
CA HIS B 302 -15.19 -43.89 11.54
C HIS B 302 -16.07 -42.68 11.76
N LEU B 303 -16.64 -42.57 12.96
CA LEU B 303 -17.58 -41.54 13.30
C LEU B 303 -17.09 -40.87 14.57
N TYR B 304 -16.88 -39.55 14.53
CA TYR B 304 -16.37 -38.80 15.68
C TYR B 304 -17.43 -37.84 16.12
N LEU B 305 -17.98 -38.12 17.30
CA LEU B 305 -19.10 -37.35 17.86
C LEU B 305 -18.78 -36.76 19.23
N GLN B 306 -17.53 -36.79 19.65
CA GLN B 306 -17.16 -36.24 20.93
C GLN B 306 -17.64 -34.80 21.15
N ASN B 307 -17.82 -34.44 22.42
CA ASN B 307 -18.08 -33.06 22.83
C ASN B 307 -19.25 -32.46 22.10
N ASN B 308 -20.36 -33.19 22.06
CA ASN B 308 -21.64 -32.63 21.63
C ASN B 308 -22.61 -32.63 22.84
N GLU B 309 -23.91 -32.42 22.60
CA GLU B 309 -24.93 -32.39 23.67
C GLU B 309 -25.90 -33.58 23.56
N ILE B 310 -25.34 -34.77 23.34
CA ILE B 310 -26.17 -35.96 23.11
C ILE B 310 -26.50 -36.66 24.44
N GLU B 311 -27.80 -36.84 24.69
CA GLU B 311 -28.29 -37.51 25.89
C GLU B 311 -28.40 -39.03 25.67
N LYS B 312 -28.87 -39.43 24.48
CA LYS B 312 -28.93 -40.85 24.09
C LYS B 312 -28.76 -41.04 22.57
N MET B 313 -28.02 -42.08 22.20
CA MET B 313 -27.86 -42.49 20.81
C MET B 313 -29.04 -43.38 20.37
N ASN B 314 -30.05 -42.75 19.77
CA ASN B 314 -31.22 -43.43 19.23
C ASN B 314 -30.87 -44.35 18.03
N LEU B 315 -30.76 -45.64 18.35
CA LEU B 315 -30.34 -46.66 17.39
C LEU B 315 -31.22 -46.77 16.18
N THR B 316 -32.51 -46.50 16.34
CA THR B 316 -33.46 -46.51 15.22
C THR B 316 -33.21 -45.39 14.22
N VAL B 317 -32.76 -44.25 14.71
CA VAL B 317 -32.40 -43.12 13.84
C VAL B 317 -31.06 -43.42 13.14
N MET B 318 -30.11 -43.95 13.89
CA MET B 318 -28.83 -44.41 13.35
C MET B 318 -28.99 -45.46 12.24
N CYS B 319 -29.93 -46.37 12.41
CA CYS B 319 -30.13 -47.52 11.51
C CYS B 319 -31.58 -47.93 11.53
N PRO B 320 -32.42 -47.33 10.66
CA PRO B 320 -33.84 -47.69 10.61
C PRO B 320 -34.13 -49.05 10.00
N SER B 321 -33.22 -49.59 9.19
CA SER B 321 -33.44 -50.88 8.56
C SER B 321 -32.14 -51.63 8.35
N ILE B 322 -32.18 -52.91 8.65
CA ILE B 322 -31.03 -53.79 8.50
C ILE B 322 -31.26 -54.54 7.20
N ASP B 323 -30.29 -54.44 6.30
CA ASP B 323 -30.19 -55.34 5.16
C ASP B 323 -28.98 -56.26 5.43
N PRO B 324 -29.24 -57.53 5.78
CA PRO B 324 -28.13 -58.48 6.06
C PRO B 324 -27.25 -58.87 4.86
N LEU B 325 -27.68 -58.50 3.65
CA LEU B 325 -26.85 -58.71 2.47
C LEU B 325 -25.82 -57.58 2.25
N HIS B 326 -26.05 -56.39 2.84
CA HIS B 326 -25.13 -55.23 2.76
C HIS B 326 -25.08 -54.50 4.11
N TYR B 327 -24.19 -54.98 4.97
CA TYR B 327 -24.09 -54.44 6.29
C TYR B 327 -23.36 -53.10 6.24
N HIS B 328 -23.73 -52.21 7.16
CA HIS B 328 -23.03 -50.94 7.38
C HIS B 328 -21.59 -51.24 7.75
N HIS B 329 -20.67 -50.42 7.26
CA HIS B 329 -19.23 -50.68 7.39
C HIS B 329 -18.67 -50.16 8.69
N LEU B 330 -19.51 -49.56 9.54
CA LEU B 330 -19.05 -48.85 10.72
C LEU B 330 -18.18 -49.69 11.61
N THR B 331 -17.04 -49.11 11.97
CA THR B 331 -15.98 -49.75 12.73
C THR B 331 -15.62 -49.03 14.06
N TYR B 332 -15.85 -47.72 14.13
CA TYR B 332 -15.35 -46.92 15.25
C TYR B 332 -16.28 -45.75 15.52
N ILE B 333 -16.69 -45.64 16.78
CA ILE B 333 -17.48 -44.51 17.25
C ILE B 333 -16.77 -43.94 18.45
N ARG B 334 -16.74 -42.62 18.51
CA ARG B 334 -16.20 -41.85 19.59
C ARG B 334 -17.32 -40.95 20.07
N VAL B 335 -17.71 -41.08 21.33
CA VAL B 335 -18.82 -40.30 21.92
C VAL B 335 -18.47 -39.69 23.29
N ASP B 336 -17.20 -39.69 23.68
CA ASP B 336 -16.81 -39.04 24.93
C ASP B 336 -17.22 -37.58 24.99
N GLN B 337 -17.45 -37.11 26.22
CA GLN B 337 -17.88 -35.73 26.50
C GLN B 337 -19.22 -35.37 25.90
N ASN B 338 -20.08 -36.35 25.78
CA ASN B 338 -21.50 -36.10 25.61
C ASN B 338 -22.16 -36.41 26.97
N LYS B 339 -23.50 -36.20 27.05
CA LYS B 339 -24.21 -36.44 28.34
C LYS B 339 -25.03 -37.74 28.30
N LEU B 340 -24.29 -38.83 28.05
CA LEU B 340 -24.87 -40.17 28.03
C LEU B 340 -24.87 -40.73 29.44
N LYS B 341 -26.02 -41.27 29.87
CA LYS B 341 -26.16 -41.90 31.20
C LYS B 341 -25.72 -43.36 31.22
N GLU B 342 -25.92 -44.07 30.11
CA GLU B 342 -25.52 -45.48 29.96
C GLU B 342 -24.89 -45.72 28.60
N PRO B 343 -24.09 -46.82 28.43
CA PRO B 343 -23.60 -47.20 27.08
C PRO B 343 -24.71 -47.35 26.05
N ILE B 344 -24.36 -47.39 24.78
CA ILE B 344 -25.34 -47.53 23.71
C ILE B 344 -25.89 -48.96 23.81
N SER B 345 -27.16 -49.11 23.46
CA SER B 345 -27.84 -50.42 23.40
C SER B 345 -26.96 -51.48 22.71
N SER B 346 -26.88 -52.67 23.30
CA SER B 346 -26.14 -53.79 22.72
C SER B 346 -26.66 -54.23 21.33
N TYR B 347 -27.89 -53.86 20.99
CA TYR B 347 -28.46 -54.10 19.64
C TYR B 347 -27.77 -53.34 18.51
N ILE B 348 -26.85 -52.44 18.83
CA ILE B 348 -26.02 -51.77 17.82
C ILE B 348 -25.26 -52.79 16.98
N PHE B 349 -24.79 -53.86 17.62
CA PHE B 349 -23.99 -54.90 16.97
C PHE B 349 -24.78 -55.68 15.91
N PHE B 350 -26.12 -55.65 15.96
CA PHE B 350 -26.99 -56.22 14.92
C PHE B 350 -27.02 -55.43 13.61
N CYS B 351 -26.98 -54.10 13.73
CA CYS B 351 -26.94 -53.27 12.53
C CYS B 351 -25.52 -53.01 12.06
N PHE B 352 -24.60 -52.95 13.00
CA PHE B 352 -23.23 -52.58 12.76
C PHE B 352 -22.32 -53.69 13.24
N PRO B 353 -22.33 -54.83 12.52
CA PRO B 353 -21.55 -55.98 12.98
C PRO B 353 -20.05 -55.79 12.96
N HIS B 354 -19.52 -54.79 12.24
CA HIS B 354 -18.10 -54.62 12.20
C HIS B 354 -17.55 -53.65 13.28
N ILE B 355 -18.40 -53.15 14.19
CA ILE B 355 -17.92 -52.22 15.20
C ILE B 355 -16.89 -52.91 16.05
N HIS B 356 -15.68 -52.38 16.09
CA HIS B 356 -14.63 -52.92 16.94
C HIS B 356 -14.35 -52.08 18.20
N THR B 357 -14.71 -50.80 18.22
CA THR B 357 -14.48 -49.93 19.39
C THR B 357 -15.53 -48.81 19.51
N ILE B 358 -16.02 -48.57 20.73
CA ILE B 358 -16.86 -47.42 21.03
C ILE B 358 -16.23 -46.70 22.21
N TYR B 359 -15.54 -45.59 21.97
CA TYR B 359 -14.91 -44.84 23.05
C TYR B 359 -15.92 -43.91 23.74
N TYR B 360 -16.12 -44.13 25.04
CA TYR B 360 -17.09 -43.37 25.86
C TYR B 360 -16.49 -42.27 26.73
N GLY B 361 -15.23 -42.42 27.15
CA GLY B 361 -14.56 -41.47 28.08
C GLY B 361 -15.50 -41.08 29.22
N GLU B 362 -15.74 -39.78 29.41
CA GLU B 362 -16.76 -39.28 30.35
C GLU B 362 -18.00 -38.84 29.58
N CYS C 60 15.49 6.74 38.55
CA CYS C 60 15.77 6.05 37.26
C CYS C 60 14.65 5.07 36.94
N VAL C 61 14.84 4.23 35.91
CA VAL C 61 13.91 3.15 35.66
C VAL C 61 14.74 1.90 35.63
N SER C 62 14.10 0.83 36.04
CA SER C 62 14.75 -0.48 36.25
C SER C 62 15.51 -0.97 35.01
N GLU C 63 14.97 -0.73 33.80
CA GLU C 63 15.65 -1.10 32.55
C GLU C 63 16.94 -0.29 32.23
N CYS C 64 17.13 0.86 32.87
CA CYS C 64 18.19 1.78 32.46
C CYS C 64 19.16 2.00 33.59
N PHE C 65 20.25 2.71 33.30
CA PHE C 65 21.24 3.10 34.29
C PHE C 65 21.41 4.61 34.35
N CYS C 66 21.25 5.16 35.53
CA CYS C 66 21.44 6.58 35.80
C CYS C 66 22.61 6.73 36.78
N PRO C 67 23.79 7.11 36.29
CA PRO C 67 24.93 7.29 37.20
C PRO C 67 24.68 8.45 38.17
N THR C 68 24.91 8.20 39.47
CA THR C 68 24.61 9.15 40.55
C THR C 68 25.44 10.43 40.43
N ASN C 69 26.68 10.30 39.94
CA ASN C 69 27.52 11.47 39.68
C ASN C 69 27.21 12.24 38.40
N PHE C 70 26.40 11.68 37.49
CA PHE C 70 25.97 12.39 36.26
C PHE C 70 24.46 12.21 36.16
N PRO C 71 23.75 12.82 37.12
CA PRO C 71 22.37 12.47 37.39
C PRO C 71 21.38 12.90 36.30
N SER C 72 21.77 13.86 35.46
CA SER C 72 20.99 14.21 34.27
C SER C 72 21.16 13.25 33.04
N SER C 73 21.94 12.18 33.16
CA SER C 73 22.14 11.18 32.10
C SER C 73 21.42 9.88 32.36
N MET C 74 20.76 9.35 31.33
CA MET C 74 20.09 8.07 31.45
C MET C 74 20.44 7.18 30.27
N TYR C 75 20.96 5.99 30.58
CA TYR C 75 21.46 5.03 29.63
C TYR C 75 20.50 3.89 29.53
N CYS C 76 19.82 3.80 28.39
CA CYS C 76 18.87 2.74 28.13
C CYS C 76 19.26 2.01 26.87
N ASP C 77 20.50 2.16 26.45
CA ASP C 77 20.94 1.62 25.17
C ASP C 77 21.27 0.14 25.22
N ASN C 78 21.22 -0.53 24.07
CA ASN C 78 21.67 -1.92 23.88
C ASN C 78 20.98 -2.84 24.88
N ARG C 79 19.68 -2.68 25.11
CA ARG C 79 18.94 -3.43 26.15
C ARG C 79 17.70 -4.18 25.64
N LYS C 80 17.64 -4.42 24.33
CA LYS C 80 16.45 -4.99 23.68
C LYS C 80 15.12 -4.33 24.06
N LEU C 81 15.12 -3.05 24.41
CA LEU C 81 13.86 -2.38 24.73
C LEU C 81 12.91 -2.31 23.50
N LYS C 82 11.63 -2.52 23.75
CA LYS C 82 10.59 -2.49 22.78
C LYS C 82 9.82 -1.19 22.81
N THR C 83 9.88 -0.48 23.94
CA THR C 83 9.19 0.79 24.04
C THR C 83 10.09 1.71 24.81
N ILE C 84 9.85 3.00 24.68
CA ILE C 84 10.60 3.97 25.40
C ILE C 84 10.01 4.03 26.78
N PRO C 85 10.84 3.83 27.82
CA PRO C 85 10.30 3.93 29.19
C PRO C 85 9.90 5.36 29.56
N ASN C 86 9.24 5.52 30.70
CA ASN C 86 8.82 6.87 31.15
C ASN C 86 10.07 7.59 31.58
N ILE C 87 10.26 8.81 31.09
CA ILE C 87 11.50 9.52 31.30
C ILE C 87 11.33 10.47 32.48
N PRO C 88 12.14 10.35 33.54
CA PRO C 88 12.07 11.30 34.65
C PRO C 88 12.37 12.72 34.19
N MET C 89 11.81 13.68 34.93
CA MET C 89 11.83 15.08 34.52
C MET C 89 13.19 15.76 34.53
N HIS C 90 14.12 15.21 35.28
CA HIS C 90 15.44 15.83 35.41
C HIS C 90 16.41 15.40 34.29
N ILE C 91 16.04 14.39 33.48
CA ILE C 91 16.93 13.86 32.45
C ILE C 91 17.18 14.85 31.32
N GLN C 92 18.45 15.04 31.00
CA GLN C 92 18.87 15.92 29.95
C GLN C 92 19.56 15.20 28.78
N GLN C 93 20.23 14.08 29.05
CA GLN C 93 20.85 13.28 28.00
C GLN C 93 20.25 11.90 28.10
N LEU C 94 19.63 11.43 27.02
CA LEU C 94 18.86 10.18 27.00
C LEU C 94 19.37 9.32 25.87
N TYR C 95 19.86 8.12 26.22
CA TYR C 95 20.47 7.20 25.26
C TYR C 95 19.58 5.97 25.10
N LEU C 96 18.94 5.84 23.93
CA LEU C 96 18.04 4.74 23.64
C LEU C 96 18.47 3.99 22.41
N GLN C 97 19.69 4.20 21.97
CA GLN C 97 20.16 3.55 20.77
C GLN C 97 20.30 2.04 20.90
N PHE C 98 20.31 1.35 19.77
CA PHE C 98 20.49 -0.09 19.70
C PHE C 98 19.47 -0.87 20.51
N ASN C 99 18.18 -0.55 20.29
CA ASN C 99 17.09 -1.27 20.92
C ASN C 99 16.16 -1.80 19.82
N GLU C 100 14.92 -2.14 20.14
CA GLU C 100 13.95 -2.60 19.16
C GLU C 100 12.69 -1.72 19.19
N ILE C 101 12.92 -0.43 19.36
CA ILE C 101 11.82 0.51 19.48
C ILE C 101 11.19 0.79 18.10
N GLU C 102 9.87 0.82 18.07
CA GLU C 102 9.10 1.09 16.85
C GLU C 102 8.35 2.41 16.87
N ALA C 103 8.01 2.91 18.04
CA ALA C 103 7.12 4.03 18.17
C ALA C 103 7.73 5.05 19.10
N VAL C 104 7.36 6.32 18.90
CA VAL C 104 7.71 7.40 19.81
C VAL C 104 6.38 8.05 20.22
N THR C 105 5.94 7.78 21.42
CA THR C 105 4.66 8.21 21.91
C THR C 105 4.85 9.36 22.89
N ALA C 106 3.85 10.24 22.92
CA ALA C 106 3.83 11.37 23.85
C ALA C 106 3.95 11.01 25.34
N ASN C 107 3.33 9.90 25.74
CA ASN C 107 3.31 9.52 27.17
C ASN C 107 4.71 9.33 27.77
N SER C 108 5.66 8.83 26.99
CA SER C 108 7.03 8.61 27.48
C SER C 108 7.78 9.91 27.79
N PHE C 109 7.44 11.02 27.10
CA PHE C 109 8.21 12.27 27.20
C PHE C 109 7.51 13.38 27.92
N ILE C 110 6.35 13.09 28.50
CA ILE C 110 5.45 14.15 28.95
C ILE C 110 6.09 15.04 30.03
N ASN C 111 6.89 14.45 30.92
CA ASN C 111 7.49 15.22 31.99
C ASN C 111 8.95 15.60 31.71
N ALA C 112 9.48 15.15 30.57
CA ALA C 112 10.89 15.27 30.27
C ALA C 112 11.22 16.55 29.50
N THR C 113 10.87 17.66 30.10
CA THR C 113 10.92 18.99 29.52
C THR C 113 12.33 19.49 29.31
N HIS C 114 13.31 18.95 30.05
CA HIS C 114 14.68 19.43 29.96
C HIS C 114 15.60 18.60 29.04
N LEU C 115 15.06 17.67 28.28
CA LEU C 115 15.90 16.91 27.33
C LEU C 115 16.67 17.80 26.36
N LYS C 116 17.98 17.62 26.33
CA LYS C 116 18.86 18.32 25.41
C LYS C 116 19.36 17.42 24.30
N GLU C 117 19.46 16.14 24.57
CA GLU C 117 20.01 15.19 23.65
C GLU C 117 19.24 13.89 23.79
N ILE C 118 18.76 13.38 22.65
CA ILE C 118 18.10 12.08 22.57
C ILE C 118 18.77 11.29 21.46
N ASN C 119 19.27 10.10 21.82
CA ASN C 119 19.77 9.15 20.82
C ASN C 119 18.80 7.98 20.66
N LEU C 120 18.09 7.94 19.52
CA LEU C 120 17.16 6.88 19.17
C LEU C 120 17.63 6.14 17.92
N SER C 121 18.93 6.23 17.64
CA SER C 121 19.50 5.53 16.50
C SER C 121 19.47 4.03 16.67
N HIS C 122 19.56 3.31 15.57
CA HIS C 122 19.60 1.84 15.56
C HIS C 122 18.39 1.26 16.28
N ASN C 123 17.21 1.67 15.83
CA ASN C 123 15.96 1.11 16.32
C ASN C 123 15.13 0.68 15.11
N LYS C 124 13.81 0.58 15.24
CA LYS C 124 12.93 0.20 14.12
C LYS C 124 11.78 1.21 13.98
N ILE C 125 12.09 2.47 14.23
CA ILE C 125 11.06 3.50 14.30
C ILE C 125 10.52 3.78 12.89
N LYS C 126 9.19 3.89 12.80
CA LYS C 126 8.52 4.23 11.55
C LYS C 126 7.92 5.57 11.70
N SER C 127 7.88 6.32 10.60
CA SER C 127 7.36 7.70 10.62
C SER C 127 5.92 7.76 11.11
N GLN C 128 5.12 6.83 10.66
CA GLN C 128 3.71 6.72 11.06
CA GLN C 128 3.71 6.72 11.06
C GLN C 128 3.50 6.33 12.54
N LYS C 129 4.56 5.95 13.26
CA LYS C 129 4.43 5.67 14.71
C LYS C 129 5.03 6.72 15.62
N ILE C 130 5.35 7.89 15.07
CA ILE C 130 5.84 9.00 15.83
C ILE C 130 4.61 9.87 16.04
N ASP C 131 4.20 10.06 17.30
CA ASP C 131 3.08 10.94 17.59
CA ASP C 131 3.09 10.95 17.62
C ASP C 131 3.43 12.37 17.21
N TYR C 132 2.41 13.07 16.72
CA TYR C 132 2.52 14.42 16.26
C TYR C 132 2.96 15.35 17.35
N GLY C 133 4.05 16.05 17.14
CA GLY C 133 4.54 17.03 18.07
C GLY C 133 5.39 16.56 19.24
N VAL C 134 5.62 15.24 19.37
CA VAL C 134 6.34 14.71 20.51
C VAL C 134 7.73 15.34 20.70
N PHE C 135 8.47 15.53 19.61
CA PHE C 135 9.75 16.23 19.70
C PHE C 135 9.63 17.73 19.81
N ALA C 136 8.64 18.30 19.14
CA ALA C 136 8.47 19.78 19.15
C ALA C 136 8.13 20.31 20.52
N LYS C 137 7.57 19.49 21.38
CA LYS C 137 7.26 19.87 22.75
C LYS C 137 8.47 19.99 23.67
N LEU C 138 9.66 19.62 23.19
CA LEU C 138 10.88 19.66 24.00
C LEU C 138 11.64 20.92 23.66
N PRO C 139 11.49 21.98 24.46
CA PRO C 139 12.01 23.28 23.99
C PRO C 139 13.50 23.52 24.12
N ASN C 140 14.20 22.61 24.78
CA ASN C 140 15.66 22.72 24.95
C ASN C 140 16.43 21.62 24.17
N LEU C 141 15.74 20.82 23.36
CA LEU C 141 16.38 19.75 22.60
C LEU C 141 17.35 20.30 21.58
N LEU C 142 18.61 19.92 21.72
CA LEU C 142 19.70 20.37 20.86
C LEU C 142 20.14 19.33 19.82
N GLN C 143 20.04 18.06 20.19
CA GLN C 143 20.56 16.99 19.40
C GLN C 143 19.58 15.85 19.33
N LEU C 144 19.26 15.38 18.13
CA LEU C 144 18.36 14.27 17.95
C LEU C 144 18.97 13.30 16.96
N HIS C 145 19.19 12.06 17.40
CA HIS C 145 19.70 11.01 16.55
C HIS C 145 18.58 10.04 16.20
N LEU C 146 18.25 9.93 14.90
CA LEU C 146 17.26 8.97 14.44
C LEU C 146 17.80 8.12 13.28
N GLU C 147 19.12 8.09 13.16
CA GLU C 147 19.79 7.29 12.13
C GLU C 147 19.58 5.81 12.38
N HIS C 148 19.65 5.04 11.31
CA HIS C 148 19.45 3.58 11.34
C HIS C 148 18.07 3.23 11.95
N ASN C 149 17.02 3.77 11.33
CA ASN C 149 15.64 3.43 11.66
C ASN C 149 14.90 3.02 10.37
N ASN C 150 13.57 3.11 10.33
CA ASN C 150 12.82 2.81 9.13
C ASN C 150 11.94 3.98 8.74
N LEU C 151 12.46 5.18 8.88
CA LEU C 151 11.70 6.37 8.61
C LEU C 151 11.53 6.46 7.08
N GLU C 152 10.29 6.74 6.66
CA GLU C 152 9.98 6.96 5.26
C GLU C 152 9.74 8.40 4.98
N GLU C 153 9.57 9.20 6.00
CA GLU C 153 9.48 10.61 5.75
C GLU C 153 10.20 11.42 6.81
N PHE C 154 10.52 12.64 6.42
CA PHE C 154 11.22 13.55 7.28
C PHE C 154 10.34 13.89 8.49
N PRO C 155 10.87 13.72 9.70
CA PRO C 155 10.06 13.91 10.91
C PRO C 155 9.83 15.36 11.16
N PHE C 156 8.61 15.69 11.57
CA PHE C 156 8.21 17.08 11.84
C PHE C 156 6.96 17.05 12.73
N PRO C 157 6.66 18.12 13.45
CA PRO C 157 7.53 19.27 13.64
C PRO C 157 8.64 18.95 14.65
N LEU C 158 9.71 19.74 14.59
CA LEU C 158 10.83 19.58 15.47
C LEU C 158 10.99 20.91 16.18
N PRO C 159 11.59 20.88 17.38
CA PRO C 159 11.73 22.11 18.11
C PRO C 159 12.78 23.02 17.51
N LYS C 160 12.53 24.33 17.63
CA LYS C 160 13.37 25.33 17.04
C LYS C 160 14.74 25.45 17.64
N SER C 161 14.90 24.91 18.85
CA SER C 161 16.21 24.82 19.53
C SER C 161 17.20 23.84 18.83
N LEU C 162 16.70 22.97 17.96
CA LEU C 162 17.52 21.87 17.44
C LEU C 162 18.74 22.35 16.67
N GLU C 163 19.88 21.73 17.02
CA GLU C 163 21.16 22.06 16.44
C GLU C 163 21.71 20.96 15.53
N ARG C 164 21.57 19.72 15.95
CA ARG C 164 22.10 18.60 15.19
C ARG C 164 21.02 17.56 15.02
N LEU C 165 20.76 17.15 13.77
CA LEU C 165 19.78 16.18 13.43
C LEU C 165 20.37 15.13 12.52
N LEU C 166 20.35 13.88 12.98
CA LEU C 166 20.96 12.79 12.28
C LEU C 166 19.89 11.82 11.84
N LEU C 167 19.76 11.65 10.53
CA LEU C 167 18.70 10.87 9.91
C LEU C 167 19.23 9.92 8.85
N GLY C 168 20.51 9.63 8.90
CA GLY C 168 21.13 8.72 7.97
C GLY C 168 20.59 7.32 8.09
N TYR C 169 20.69 6.56 7.00
CA TYR C 169 20.29 5.14 6.97
C TYR C 169 18.83 4.94 7.37
N ASN C 170 17.97 5.64 6.66
CA ASN C 170 16.52 5.46 6.78
C ASN C 170 16.01 5.25 5.35
N GLU C 171 14.71 5.44 5.12
CA GLU C 171 14.13 5.19 3.80
C GLU C 171 13.37 6.45 3.40
N ILE C 172 13.95 7.61 3.70
CA ILE C 172 13.19 8.84 3.54
C ILE C 172 13.01 9.13 2.07
N SER C 173 11.76 9.08 1.63
CA SER C 173 11.37 9.40 0.25
C SER C 173 10.35 10.49 0.17
N LYS C 174 9.99 11.10 1.29
CA LYS C 174 8.97 12.11 1.35
C LYS C 174 9.42 13.19 2.28
N LEU C 175 9.09 14.43 1.95
CA LEU C 175 9.48 15.56 2.74
C LEU C 175 8.43 16.62 2.53
N GLN C 176 7.53 16.76 3.48
CA GLN C 176 6.40 17.69 3.34
C GLN C 176 6.92 19.09 3.36
N THR C 177 6.23 19.98 2.63
CA THR C 177 6.63 21.37 2.44
C THR C 177 7.05 22.11 3.68
N ASN C 178 6.30 21.98 4.76
CA ASN C 178 6.62 22.74 5.98
C ASN C 178 7.44 21.94 7.01
N ALA C 179 7.98 20.79 6.62
CA ALA C 179 8.66 19.89 7.55
C ALA C 179 9.91 20.50 8.23
N MET C 180 10.55 21.44 7.56
CA MET C 180 11.78 22.01 8.04
C MET C 180 11.57 23.34 8.67
N ASP C 181 10.32 23.75 8.86
CA ASP C 181 10.05 25.08 9.41
C ASP C 181 10.60 25.22 10.80
N GLY C 182 11.12 26.40 11.04
CA GLY C 182 11.60 26.73 12.35
C GLY C 182 13.03 26.30 12.62
N LEU C 183 13.64 25.45 11.75
CA LEU C 183 14.97 24.90 12.02
C LEU C 183 16.10 25.87 11.77
N VAL C 184 16.00 27.02 12.39
CA VAL C 184 16.89 28.17 12.15
C VAL C 184 18.13 28.05 13.01
N ASN C 185 18.18 27.09 13.93
CA ASN C 185 19.40 26.88 14.71
C ASN C 185 20.16 25.64 14.28
N LEU C 186 19.66 24.96 13.26
CA LEU C 186 20.30 23.71 12.85
C LEU C 186 21.67 23.97 12.22
N THR C 187 22.69 23.31 12.74
CA THR C 187 24.06 23.41 12.22
C THR C 187 24.50 22.17 11.46
N MET C 188 23.92 21.03 11.79
CA MET C 188 24.30 19.79 11.19
C MET C 188 23.03 19.00 10.84
N LEU C 189 22.94 18.57 9.60
CA LEU C 189 21.87 17.75 9.09
C LEU C 189 22.47 16.60 8.30
N ASP C 190 22.25 15.38 8.77
CA ASP C 190 22.72 14.20 8.12
C ASP C 190 21.56 13.40 7.52
N LEU C 191 21.52 13.33 6.19
CA LEU C 191 20.47 12.62 5.45
C LEU C 191 21.06 11.57 4.55
N CYS C 192 22.28 11.13 4.84
CA CYS C 192 23.00 10.15 4.00
C CYS C 192 22.22 8.81 4.02
N TYR C 193 22.27 8.07 2.91
CA TYR C 193 21.62 6.76 2.85
C TYR C 193 20.11 6.83 3.10
N ASN C 194 19.45 7.54 2.21
CA ASN C 194 18.01 7.70 2.20
C ASN C 194 17.55 7.63 0.73
N TYR C 195 16.31 7.99 0.47
CA TYR C 195 15.74 7.86 -0.87
C TYR C 195 15.29 9.21 -1.40
N LEU C 196 16.02 10.28 -1.05
CA LEU C 196 15.63 11.61 -1.51
C LEU C 196 15.87 11.76 -3.02
N HIS C 197 15.00 12.54 -3.63
CA HIS C 197 15.02 12.77 -5.08
C HIS C 197 14.72 14.23 -5.30
N ASP C 198 15.03 14.72 -6.50
CA ASP C 198 15.07 16.18 -6.73
C ASP C 198 13.84 16.93 -6.37
N SER C 199 12.67 16.34 -6.65
CA SER C 199 11.41 17.06 -6.41
C SER C 199 11.18 17.39 -4.96
N LEU C 200 11.76 16.62 -4.05
CA LEU C 200 11.67 16.93 -2.61
C LEU C 200 12.41 18.19 -2.21
N LEU C 201 13.47 18.51 -2.95
CA LEU C 201 14.35 19.65 -2.61
C LEU C 201 14.14 20.90 -3.48
N LYS C 202 13.29 20.82 -4.48
CA LYS C 202 13.29 21.83 -5.57
C LYS C 202 12.85 23.24 -5.10
N ASP C 203 11.99 23.34 -4.10
CA ASP C 203 11.52 24.63 -3.62
C ASP C 203 12.51 25.38 -2.67
N LYS C 204 13.81 25.08 -2.74
CA LYS C 204 14.80 25.72 -1.90
C LYS C 204 14.46 25.53 -0.40
N ILE C 205 14.19 24.28 -0.03
CA ILE C 205 13.64 23.94 1.25
C ILE C 205 14.61 24.12 2.41
N PHE C 206 15.91 24.07 2.14
CA PHE C 206 16.91 24.32 3.18
C PHE C 206 17.28 25.76 3.36
N ALA C 207 16.66 26.65 2.58
CA ALA C 207 17.10 28.05 2.54
C ALA C 207 16.98 28.82 3.85
N LYS C 208 15.99 28.45 4.66
CA LYS C 208 15.75 29.04 5.97
C LYS C 208 16.73 28.60 7.08
N MET C 209 17.48 27.52 6.81
CA MET C 209 18.43 27.02 7.77
C MET C 209 19.71 27.82 7.68
N GLU C 210 19.67 29.04 8.18
CA GLU C 210 20.74 30.00 7.91
C GLU C 210 21.91 29.86 8.85
N LYS C 211 21.85 28.90 9.78
CA LYS C 211 23.05 28.52 10.53
C LYS C 211 23.64 27.16 10.09
N LEU C 212 23.05 26.53 9.06
CA LEU C 212 23.46 25.17 8.65
C LEU C 212 24.91 25.20 8.16
N MET C 213 25.76 24.43 8.80
CA MET C 213 27.18 24.32 8.50
C MET C 213 27.51 23.07 7.74
N GLN C 214 26.84 21.99 8.07
CA GLN C 214 27.15 20.70 7.50
C GLN C 214 25.87 20.00 7.01
N LEU C 215 25.89 19.60 5.74
CA LEU C 215 24.81 18.91 5.10
C LEU C 215 25.34 17.67 4.40
N ASN C 216 24.90 16.51 4.88
CA ASN C 216 25.22 15.23 4.27
C ASN C 216 23.99 14.71 3.46
N LEU C 217 24.13 14.69 2.15
CA LEU C 217 23.09 14.19 1.23
C LEU C 217 23.60 13.03 0.37
N CYS C 218 24.58 12.33 0.88
CA CYS C 218 25.18 11.24 0.15
C CYS C 218 24.29 10.01 0.14
N SER C 219 24.52 9.18 -0.88
CA SER C 219 23.83 7.93 -1.08
C SER C 219 22.31 8.11 -1.05
N ASN C 220 21.83 9.03 -1.87
CA ASN C 220 20.42 9.25 -2.11
C ASN C 220 20.09 9.02 -3.61
N ARG C 221 19.04 9.61 -4.15
CA ARG C 221 18.64 9.39 -5.54
C ARG C 221 18.48 10.72 -6.22
N LEU C 222 19.45 11.60 -5.97
CA LEU C 222 19.40 12.93 -6.52
C LEU C 222 19.97 12.87 -7.96
N GLU C 223 19.34 13.62 -8.85
CA GLU C 223 19.82 13.77 -10.22
C GLU C 223 20.35 15.18 -10.50
N SER C 224 20.12 16.11 -9.58
CA SER C 224 20.57 17.48 -9.69
C SER C 224 21.17 17.98 -8.37
N MET C 225 21.96 19.05 -8.49
CA MET C 225 22.48 19.75 -7.35
C MET C 225 21.29 20.38 -6.63
N PRO C 226 21.20 20.22 -5.30
CA PRO C 226 20.12 20.88 -4.60
C PRO C 226 20.18 22.40 -4.74
N PRO C 227 19.06 23.02 -5.13
CA PRO C 227 19.06 24.46 -5.30
C PRO C 227 18.83 25.24 -3.99
N GLY C 228 19.31 26.47 -3.97
CA GLY C 228 19.12 27.38 -2.84
C GLY C 228 19.64 26.93 -1.46
N LEU C 229 20.76 26.22 -1.43
CA LEU C 229 21.39 25.89 -0.18
C LEU C 229 21.84 27.16 0.59
N PRO C 230 21.78 27.14 1.92
CA PRO C 230 22.12 28.34 2.68
C PRO C 230 23.60 28.67 2.62
N SER C 231 23.90 29.95 2.63
CA SER C 231 25.25 30.46 2.47
C SER C 231 26.17 30.25 3.64
N SER C 232 25.61 29.80 4.78
CA SER C 232 26.40 29.39 5.94
C SER C 232 27.21 28.08 5.76
N LEU C 233 26.93 27.34 4.71
CA LEU C 233 27.39 25.99 4.59
C LEU C 233 28.91 25.89 4.43
N MET C 234 29.52 25.00 5.18
CA MET C 234 30.92 24.72 5.16
C MET C 234 31.32 23.31 4.72
N TYR C 235 30.42 22.35 4.94
CA TYR C 235 30.62 21.01 4.49
C TYR C 235 29.37 20.53 3.68
N LEU C 236 29.59 20.10 2.42
CA LEU C 236 28.54 19.55 1.60
C LEU C 236 28.95 18.21 1.04
N SER C 237 28.23 17.14 1.40
CA SER C 237 28.41 15.86 0.71
C SER C 237 27.22 15.53 -0.17
N LEU C 238 27.54 15.29 -1.45
CA LEU C 238 26.59 14.78 -2.45
C LEU C 238 27.07 13.50 -3.09
N GLU C 239 27.96 12.81 -2.40
CA GLU C 239 28.55 11.58 -2.88
C GLU C 239 27.47 10.54 -3.15
N ASN C 240 27.70 9.71 -4.19
CA ASN C 240 26.87 8.55 -4.49
C ASN C 240 25.43 8.91 -4.79
N ASN C 241 25.25 9.85 -5.69
CA ASN C 241 23.94 10.17 -6.26
C ASN C 241 24.09 9.92 -7.79
N SER C 242 23.29 10.58 -8.63
CA SER C 242 23.39 10.47 -10.08
C SER C 242 23.39 11.85 -10.70
N ILE C 243 24.16 12.76 -10.11
CA ILE C 243 24.22 14.13 -10.56
C ILE C 243 25.15 14.15 -11.80
N SER C 244 24.71 14.83 -12.83
CA SER C 244 25.44 14.86 -14.11
C SER C 244 25.97 16.24 -14.51
N SER C 245 25.31 17.30 -14.06
CA SER C 245 25.79 18.66 -14.30
C SER C 245 25.76 19.51 -13.02
N ILE C 246 26.43 20.65 -13.09
CA ILE C 246 26.40 21.65 -12.04
C ILE C 246 26.04 22.94 -12.75
N PRO C 247 24.98 23.63 -12.34
CA PRO C 247 24.65 24.83 -13.06
C PRO C 247 25.66 25.96 -12.88
N GLU C 248 25.78 26.81 -13.90
CA GLU C 248 26.64 27.96 -13.90
C GLU C 248 26.35 28.76 -12.62
N LYS C 249 27.41 29.19 -11.95
CA LYS C 249 27.37 30.05 -10.75
C LYS C 249 26.74 29.43 -9.47
N TYR C 250 26.68 28.10 -9.42
CA TYR C 250 26.01 27.40 -8.33
C TYR C 250 26.70 27.72 -6.99
N PHE C 251 28.04 27.77 -7.01
CA PHE C 251 28.80 28.01 -5.82
C PHE C 251 29.02 29.46 -5.37
N ASP C 252 28.49 30.43 -6.13
CA ASP C 252 28.68 31.86 -5.83
C ASP C 252 28.20 32.22 -4.41
N LYS C 253 27.06 31.67 -4.02
CA LYS C 253 26.50 31.95 -2.73
C LYS C 253 26.75 30.82 -1.70
N LEU C 254 27.80 30.03 -1.94
CA LEU C 254 28.33 29.10 -0.97
C LEU C 254 29.82 29.39 -0.68
N PRO C 255 30.16 30.65 -0.34
CA PRO C 255 31.56 31.02 -0.17
C PRO C 255 32.25 30.40 1.02
N LYS C 256 31.52 29.92 2.00
CA LYS C 256 32.18 29.33 3.20
C LYS C 256 32.54 27.86 3.06
N LEU C 257 32.27 27.29 1.90
CA LEU C 257 32.50 25.87 1.69
C LEU C 257 33.97 25.52 1.84
N HIS C 258 34.24 24.59 2.76
CA HIS C 258 35.54 24.07 3.07
C HIS C 258 35.76 22.68 2.50
N THR C 259 34.74 21.84 2.62
CA THR C 259 34.83 20.47 2.11
C THR C 259 33.63 20.19 1.20
N LEU C 260 33.93 19.76 -0.03
CA LEU C 260 32.92 19.44 -1.03
C LEU C 260 33.19 18.05 -1.54
N ARG C 261 32.23 17.15 -1.29
CA ARG C 261 32.34 15.75 -1.68
C ARG C 261 31.32 15.39 -2.69
N MET C 262 31.78 15.12 -3.90
CA MET C 262 30.92 14.75 -5.03
C MET C 262 31.35 13.53 -5.76
N SER C 263 32.12 12.71 -5.09
CA SER C 263 32.53 11.46 -5.63
C SER C 263 31.30 10.56 -5.98
N HIS C 264 31.47 9.68 -6.98
CA HIS C 264 30.48 8.65 -7.35
C HIS C 264 29.20 9.28 -7.82
N ASN C 265 29.31 10.23 -8.73
CA ASN C 265 28.17 10.78 -9.45
C ASN C 265 28.45 10.57 -10.97
N LYS C 266 27.80 11.33 -11.83
CA LYS C 266 27.99 11.23 -13.29
C LYS C 266 28.49 12.54 -13.89
N LEU C 267 29.34 13.26 -13.18
CA LEU C 267 29.75 14.60 -13.61
C LEU C 267 30.57 14.54 -14.90
N GLN C 268 30.22 15.36 -15.87
CA GLN C 268 30.96 15.41 -17.13
C GLN C 268 31.36 16.75 -17.68
N ASP C 269 30.44 17.53 -18.21
CA ASP C 269 30.82 18.78 -18.91
C ASP C 269 30.63 19.98 -17.99
N ILE C 270 31.35 19.98 -16.88
CA ILE C 270 31.10 21.02 -15.87
C ILE C 270 31.76 22.30 -16.31
N PRO C 271 31.19 23.46 -15.92
CA PRO C 271 31.84 24.70 -16.29
C PRO C 271 33.27 24.77 -15.78
N TYR C 272 34.17 25.30 -16.59
CA TYR C 272 35.62 25.20 -16.31
C TYR C 272 36.00 25.91 -14.97
N ASN C 273 35.30 27.01 -14.65
CA ASN C 273 35.53 27.78 -13.45
C ASN C 273 34.46 27.54 -12.32
N ILE C 274 33.77 26.39 -12.36
CA ILE C 274 32.65 26.16 -11.48
C ILE C 274 33.08 26.07 -10.01
N PHE C 275 34.26 25.52 -9.75
CA PHE C 275 34.78 25.41 -8.39
C PHE C 275 35.56 26.64 -7.86
N ASN C 276 35.13 27.84 -8.22
CA ASN C 276 35.87 29.01 -7.78
C ASN C 276 35.40 29.45 -6.39
N LEU C 277 35.91 28.77 -5.37
CA LEU C 277 35.47 28.87 -4.02
C LEU C 277 36.62 29.39 -3.11
N PRO C 278 36.41 30.51 -2.39
CA PRO C 278 37.57 31.12 -1.74
C PRO C 278 38.04 30.40 -0.47
N ASN C 279 37.24 29.49 0.11
CA ASN C 279 37.64 28.81 1.36
C ASN C 279 37.71 27.29 1.26
N ILE C 280 37.65 26.77 0.04
CA ILE C 280 37.65 25.34 -0.17
C ILE C 280 39.02 24.81 0.14
N VAL C 281 39.05 23.72 0.91
CA VAL C 281 40.28 23.05 1.27
C VAL C 281 40.35 21.64 0.68
N GLU C 282 39.23 20.91 0.70
CA GLU C 282 39.17 19.57 0.18
C GLU C 282 38.07 19.53 -0.89
N LEU C 283 38.43 19.02 -2.07
CA LEU C 283 37.51 18.84 -3.19
C LEU C 283 37.65 17.41 -3.69
N SER C 284 36.55 16.67 -3.61
CA SER C 284 36.51 15.23 -3.96
C SER C 284 35.54 15.08 -5.12
N VAL C 285 36.07 14.77 -6.31
CA VAL C 285 35.24 14.51 -7.49
C VAL C 285 35.61 13.17 -8.16
N GLY C 286 36.19 12.25 -7.40
CA GLY C 286 36.45 10.94 -7.92
C GLY C 286 35.20 10.18 -8.43
N HIS C 287 35.44 9.13 -9.23
CA HIS C 287 34.40 8.23 -9.75
C HIS C 287 33.28 9.01 -10.39
N ASN C 288 33.66 9.85 -11.33
CA ASN C 288 32.71 10.61 -12.13
C ASN C 288 33.08 10.41 -13.62
N LYS C 289 32.62 11.26 -14.52
CA LYS C 289 32.95 11.11 -15.96
C LYS C 289 33.67 12.36 -16.52
N LEU C 290 34.58 12.93 -15.74
CA LEU C 290 35.28 14.14 -16.20
C LEU C 290 36.32 13.74 -17.24
N LYS C 291 36.34 14.48 -18.34
CA LYS C 291 37.29 14.27 -19.45
C LYS C 291 38.49 15.24 -19.39
N GLN C 292 38.28 16.41 -18.76
CA GLN C 292 39.26 17.48 -18.65
C GLN C 292 39.44 17.89 -17.18
N ALA C 293 40.60 18.47 -16.90
CA ALA C 293 40.81 19.22 -15.68
C ALA C 293 39.96 20.49 -15.70
N PHE C 294 39.93 21.16 -14.58
CA PHE C 294 39.22 22.40 -14.39
C PHE C 294 40.09 23.33 -13.54
N TYR C 295 39.70 24.60 -13.50
CA TYR C 295 40.31 25.62 -12.65
C TYR C 295 40.40 25.20 -11.19
N ILE C 296 41.61 25.17 -10.63
CA ILE C 296 41.86 24.85 -9.24
C ILE C 296 41.84 26.16 -8.44
N PRO C 297 40.97 26.25 -7.42
CA PRO C 297 40.96 27.51 -6.65
C PRO C 297 42.18 27.65 -5.74
N ARG C 298 42.53 28.87 -5.42
CA ARG C 298 43.77 29.12 -4.68
C ARG C 298 43.81 28.49 -3.32
N ASN C 299 42.67 28.48 -2.65
CA ASN C 299 42.64 27.93 -1.29
C ASN C 299 42.77 26.43 -1.22
N LEU C 300 42.52 25.72 -2.33
CA LEU C 300 42.43 24.26 -2.27
C LEU C 300 43.71 23.62 -1.83
N GLU C 301 43.63 22.62 -0.96
CA GLU C 301 44.81 21.83 -0.58
C GLU C 301 44.82 20.41 -1.14
N HIS C 302 43.68 19.72 -1.13
CA HIS C 302 43.62 18.34 -1.54
C HIS C 302 42.57 18.20 -2.64
N LEU C 303 42.94 17.55 -3.74
CA LEU C 303 42.10 17.38 -4.89
C LEU C 303 42.06 15.91 -5.22
N TYR C 304 40.87 15.32 -5.26
CA TYR C 304 40.68 13.87 -5.51
C TYR C 304 39.95 13.73 -6.82
N LEU C 305 40.66 13.21 -7.80
CA LEU C 305 40.17 13.09 -9.16
C LEU C 305 40.24 11.64 -9.68
N GLN C 306 40.49 10.69 -8.80
CA GLN C 306 40.54 9.30 -9.22
C GLN C 306 39.31 8.85 -10.02
N ASN C 307 39.52 7.82 -10.87
CA ASN C 307 38.43 7.13 -11.56
C ASN C 307 37.56 8.08 -12.32
N ASN C 308 38.17 8.95 -13.10
CA ASN C 308 37.46 9.74 -14.10
C ASN C 308 37.95 9.32 -15.52
N GLU C 309 37.67 10.10 -16.57
CA GLU C 309 38.05 9.81 -17.95
C GLU C 309 39.06 10.83 -18.48
N ILE C 310 40.06 11.18 -17.68
CA ILE C 310 41.00 12.25 -18.04
C ILE C 310 42.21 11.70 -18.82
N GLU C 311 42.43 12.23 -20.01
CA GLU C 311 43.57 11.85 -20.87
C GLU C 311 44.83 12.68 -20.53
N LYS C 312 44.64 13.99 -20.28
CA LYS C 312 45.74 14.87 -19.86
C LYS C 312 45.27 16.04 -18.99
N MET C 313 46.08 16.35 -17.98
CA MET C 313 45.86 17.49 -17.10
C MET C 313 46.39 18.79 -17.73
N ASN C 314 45.52 19.53 -18.42
CA ASN C 314 45.84 20.83 -19.00
C ASN C 314 46.15 21.92 -17.93
N LEU C 315 47.44 22.14 -17.72
CA LEU C 315 47.96 23.05 -16.71
C LEU C 315 47.47 24.47 -16.84
N THR C 316 47.23 24.92 -18.06
CA THR C 316 46.69 26.27 -18.31
C THR C 316 45.26 26.44 -17.83
N VAL C 317 44.48 25.36 -17.92
CA VAL C 317 43.09 25.37 -17.42
C VAL C 317 43.12 25.32 -15.88
N MET C 318 43.98 24.47 -15.33
CA MET C 318 44.19 24.39 -13.90
C MET C 318 44.63 25.71 -13.27
N CYS C 319 45.47 26.45 -13.96
CA CYS C 319 46.07 27.69 -13.46
C CYS C 319 46.38 28.62 -14.61
N PRO C 320 45.41 29.46 -15.02
CA PRO C 320 45.63 30.39 -16.11
C PRO C 320 46.55 31.58 -15.78
N SER C 321 46.70 31.91 -14.51
CA SER C 321 47.53 33.03 -14.13
C SER C 321 48.22 32.83 -12.80
N ILE C 322 49.49 33.20 -12.75
CA ILE C 322 50.30 33.09 -11.55
C ILE C 322 50.37 34.46 -10.93
N ASP C 323 49.94 34.55 -9.69
CA ASP C 323 50.15 35.71 -8.83
C ASP C 323 51.20 35.31 -7.78
N PRO C 324 52.43 35.82 -7.91
CA PRO C 324 53.51 35.42 -6.94
C PRO C 324 53.34 35.97 -5.50
N LEU C 325 52.38 36.84 -5.29
CA LEU C 325 52.04 37.26 -3.92
C LEU C 325 51.09 36.27 -3.20
N HIS C 326 50.37 35.45 -3.97
CA HIS C 326 49.35 34.50 -3.45
C HIS C 326 49.39 33.22 -4.29
N TYR C 327 50.29 32.31 -3.94
CA TYR C 327 50.42 31.08 -4.64
C TYR C 327 49.25 30.16 -4.20
N HIS C 328 48.82 29.31 -5.12
CA HIS C 328 47.85 28.26 -4.88
C HIS C 328 48.38 27.36 -3.79
N HIS C 329 47.48 26.93 -2.88
CA HIS C 329 47.84 26.19 -1.69
C HIS C 329 47.94 24.72 -1.95
N LEU C 330 47.70 24.29 -3.21
CA LEU C 330 47.58 22.87 -3.51
C LEU C 330 48.76 22.07 -3.05
N THR C 331 48.45 20.99 -2.36
CA THR C 331 49.45 20.08 -1.82
C THR C 331 49.34 18.62 -2.27
N TYR C 332 48.16 18.17 -2.70
CA TYR C 332 47.93 16.77 -2.97
C TYR C 332 46.92 16.60 -4.10
N ILE C 333 47.32 15.81 -5.09
CA ILE C 333 46.46 15.45 -6.21
C ILE C 333 46.48 13.93 -6.29
N ARG C 334 45.30 13.36 -6.52
CA ARG C 334 45.10 11.95 -6.72
C ARG C 334 44.42 11.84 -8.07
N VAL C 335 45.07 11.12 -8.99
CA VAL C 335 44.57 10.95 -10.36
C VAL C 335 44.64 9.48 -10.85
N ASP C 336 44.82 8.53 -9.94
CA ASP C 336 44.76 7.12 -10.34
C ASP C 336 43.47 6.74 -11.01
N GLN C 337 43.54 5.77 -11.90
CA GLN C 337 42.40 5.24 -12.67
C GLN C 337 41.80 6.25 -13.59
N ASN C 338 42.63 7.15 -14.09
CA ASN C 338 42.27 7.96 -15.26
C ASN C 338 42.97 7.34 -16.49
N LYS C 339 43.03 8.04 -17.62
CA LYS C 339 43.69 7.55 -18.85
C LYS C 339 44.92 8.42 -19.18
N LEU C 340 45.79 8.63 -18.20
CA LEU C 340 46.99 9.46 -18.42
C LEU C 340 48.13 8.61 -18.96
N LYS C 341 48.77 9.07 -20.05
CA LYS C 341 49.89 8.32 -20.68
C LYS C 341 51.25 8.57 -20.02
N GLU C 342 51.45 9.79 -19.53
CA GLU C 342 52.68 10.22 -18.83
C GLU C 342 52.34 11.05 -17.59
N PRO C 343 53.28 11.22 -16.63
CA PRO C 343 53.06 12.15 -15.52
C PRO C 343 52.70 13.57 -15.96
N ILE C 344 52.16 14.37 -15.04
CA ILE C 344 51.77 15.73 -15.35
C ILE C 344 53.08 16.53 -15.57
N SER C 345 52.99 17.50 -16.48
CA SER C 345 54.09 18.42 -16.81
C SER C 345 54.77 18.96 -15.54
N SER C 346 56.10 18.96 -15.54
CA SER C 346 56.88 19.51 -14.43
C SER C 346 56.63 21.02 -14.21
N TYR C 347 56.07 21.73 -15.17
CA TYR C 347 55.68 23.13 -15.02
C TYR C 347 54.54 23.36 -13.98
N ILE C 348 53.91 22.28 -13.50
CA ILE C 348 52.94 22.38 -12.41
C ILE C 348 53.52 23.09 -11.20
N PHE C 349 54.80 22.81 -10.91
CA PHE C 349 55.50 23.34 -9.75
C PHE C 349 55.66 24.87 -9.78
N PHE C 350 55.51 25.51 -10.94
CA PHE C 350 55.49 26.97 -11.11
C PHE C 350 54.23 27.63 -10.56
N CYS C 351 53.09 26.97 -10.83
CA CYS C 351 51.83 27.50 -10.32
C CYS C 351 51.49 26.97 -8.92
N PHE C 352 51.94 25.75 -8.65
CA PHE C 352 51.59 25.02 -7.46
C PHE C 352 52.86 24.63 -6.73
N PRO C 353 53.57 25.65 -6.16
CA PRO C 353 54.84 25.34 -5.52
C PRO C 353 54.74 24.48 -4.27
N HIS C 354 53.55 24.34 -3.66
CA HIS C 354 53.46 23.54 -2.46
C HIS C 354 53.10 22.07 -2.70
N ILE C 355 52.98 21.63 -3.97
CA ILE C 355 52.60 20.23 -4.21
C ILE C 355 53.63 19.32 -3.63
N HIS C 356 53.21 18.46 -2.71
CA HIS C 356 54.06 17.44 -2.05
C HIS C 356 53.91 16.03 -2.66
N THR C 357 52.73 15.71 -3.21
CA THR C 357 52.43 14.36 -3.71
C THR C 357 51.41 14.34 -4.85
N ILE C 358 51.69 13.57 -5.90
CA ILE C 358 50.73 13.31 -6.97
C ILE C 358 50.61 11.82 -7.12
N TYR C 359 49.52 11.23 -6.62
CA TYR C 359 49.32 9.78 -6.73
C TYR C 359 48.73 9.43 -8.08
N TYR C 360 49.47 8.60 -8.84
CA TYR C 360 49.07 8.19 -10.21
C TYR C 360 48.45 6.79 -10.29
N GLY C 361 48.82 5.89 -9.36
CA GLY C 361 48.40 4.48 -9.39
C GLY C 361 48.52 3.88 -10.78
N GLU C 362 47.52 3.10 -11.19
CA GLU C 362 47.44 2.59 -12.56
C GLU C 362 46.48 3.45 -13.41
N GLN C 363 46.81 3.62 -14.68
CA GLN C 363 45.95 4.23 -15.68
C GLN C 363 45.63 3.14 -16.75
N GLY D 59 -22.81 -15.75 -35.09
CA GLY D 59 -23.60 -14.65 -34.48
C GLY D 59 -22.84 -13.79 -33.46
N CYS D 60 -23.56 -13.39 -32.39
CA CYS D 60 -23.10 -12.40 -31.42
C CYS D 60 -23.28 -12.99 -29.99
N VAL D 61 -23.26 -12.13 -28.98
CA VAL D 61 -23.54 -12.48 -27.62
C VAL D 61 -24.71 -11.59 -27.22
N SER D 62 -25.68 -12.15 -26.53
CA SER D 62 -26.97 -11.46 -26.32
C SER D 62 -26.82 -10.08 -25.66
N GLU D 63 -25.90 -9.96 -24.71
CA GLU D 63 -25.62 -8.67 -24.06
C GLU D 63 -24.93 -7.61 -24.95
N CYS D 64 -24.40 -7.98 -26.11
CA CYS D 64 -23.68 -7.03 -26.97
C CYS D 64 -24.39 -6.91 -28.31
N PHE D 65 -23.91 -6.00 -29.14
CA PHE D 65 -24.48 -5.77 -30.46
C PHE D 65 -23.43 -5.93 -31.56
N CYS D 66 -23.74 -6.78 -32.53
CA CYS D 66 -22.93 -7.04 -33.70
C CYS D 66 -23.65 -6.56 -34.96
N PRO D 67 -23.27 -5.39 -35.50
CA PRO D 67 -23.92 -4.90 -36.69
C PRO D 67 -23.69 -5.79 -37.89
N THR D 68 -24.77 -6.11 -38.61
CA THR D 68 -24.73 -7.04 -39.76
C THR D 68 -23.84 -6.57 -40.90
N ASN D 69 -23.74 -5.25 -41.08
CA ASN D 69 -22.78 -4.64 -42.02
C ASN D 69 -21.27 -4.73 -41.65
N PHE D 70 -20.97 -4.89 -40.34
CA PHE D 70 -19.60 -5.03 -39.85
C PHE D 70 -19.57 -6.21 -38.92
N PRO D 71 -19.72 -7.40 -39.50
CA PRO D 71 -20.02 -8.59 -38.70
C PRO D 71 -18.79 -9.08 -37.85
N SER D 72 -17.58 -8.64 -38.18
CA SER D 72 -16.42 -8.88 -37.29
C SER D 72 -16.28 -7.87 -36.08
N SER D 73 -17.25 -6.96 -35.90
CA SER D 73 -17.25 -5.98 -34.81
C SER D 73 -18.26 -6.32 -33.74
N MET D 74 -17.86 -6.19 -32.48
CA MET D 74 -18.76 -6.46 -31.36
C MET D 74 -18.72 -5.33 -30.36
N TYR D 75 -19.89 -4.74 -30.10
CA TYR D 75 -20.07 -3.59 -29.25
C TYR D 75 -20.69 -4.01 -27.96
N CYS D 76 -19.87 -3.94 -26.90
CA CYS D 76 -20.30 -4.29 -25.57
C CYS D 76 -20.10 -3.09 -24.66
N ASP D 77 -19.98 -1.91 -25.23
CA ASP D 77 -19.66 -0.70 -24.48
C ASP D 77 -20.87 -0.10 -23.73
N ASN D 78 -20.60 0.70 -22.71
CA ASN D 78 -21.59 1.47 -21.99
C ASN D 78 -22.79 0.64 -21.52
N ARG D 79 -22.54 -0.56 -20.98
CA ARG D 79 -23.61 -1.53 -20.63
C ARG D 79 -23.58 -2.02 -19.18
N LYS D 80 -22.90 -1.27 -18.31
CA LYS D 80 -22.62 -1.71 -16.94
C LYS D 80 -22.12 -3.14 -16.81
N LEU D 81 -21.39 -3.65 -17.82
CA LEU D 81 -20.85 -5.02 -17.68
C LEU D 81 -19.82 -5.12 -16.54
N LYS D 82 -19.89 -6.22 -15.82
CA LYS D 82 -18.98 -6.52 -14.75
C LYS D 82 -17.91 -7.50 -15.17
N THR D 83 -18.15 -8.25 -16.24
CA THR D 83 -17.18 -9.21 -16.71
C THR D 83 -17.19 -9.15 -18.20
N ILE D 84 -16.10 -9.60 -18.80
CA ILE D 84 -15.98 -9.64 -20.22
C ILE D 84 -16.70 -10.92 -20.65
N PRO D 85 -17.68 -10.79 -21.56
CA PRO D 85 -18.39 -12.00 -22.02
C PRO D 85 -17.48 -12.89 -22.86
N ASN D 86 -17.92 -14.11 -23.18
CA ASN D 86 -17.18 -15.03 -24.04
C ASN D 86 -17.19 -14.44 -25.43
N ILE D 87 -16.01 -14.35 -26.04
CA ILE D 87 -15.88 -13.66 -27.31
C ILE D 87 -15.92 -14.68 -28.44
N PRO D 88 -16.88 -14.56 -29.38
CA PRO D 88 -16.89 -15.49 -30.53
C PRO D 88 -15.62 -15.41 -31.35
N MET D 89 -15.27 -16.50 -32.02
CA MET D 89 -13.99 -16.62 -32.70
C MET D 89 -13.85 -15.74 -33.95
N HIS D 90 -14.95 -15.27 -34.50
CA HIS D 90 -14.86 -14.43 -35.70
C HIS D 90 -14.62 -12.93 -35.39
N ILE D 91 -14.73 -12.53 -34.12
CA ILE D 91 -14.59 -11.12 -33.73
C ILE D 91 -13.18 -10.60 -33.91
N GLN D 92 -13.09 -9.46 -34.57
CA GLN D 92 -11.82 -8.81 -34.82
C GLN D 92 -11.69 -7.47 -34.11
N GLN D 93 -12.80 -6.75 -33.91
CA GLN D 93 -12.80 -5.50 -33.20
C GLN D 93 -13.77 -5.66 -32.06
N LEU D 94 -13.28 -5.42 -30.83
CA LEU D 94 -14.06 -5.66 -29.60
C LEU D 94 -14.06 -4.42 -28.75
N TYR D 95 -15.25 -3.89 -28.47
CA TYR D 95 -15.43 -2.63 -27.75
C TYR D 95 -16.09 -2.90 -26.42
N LEU D 96 -15.29 -2.74 -25.34
CA LEU D 96 -15.77 -3.00 -23.98
C LEU D 96 -15.62 -1.77 -23.12
N GLN D 97 -15.41 -0.62 -23.72
CA GLN D 97 -15.22 0.58 -22.97
C GLN D 97 -16.45 1.04 -22.19
N PHE D 98 -16.21 1.86 -21.18
CA PHE D 98 -17.25 2.43 -20.33
C PHE D 98 -18.13 1.37 -19.68
N ASN D 99 -17.51 0.40 -19.01
CA ASN D 99 -18.22 -0.63 -18.25
C ASN D 99 -17.73 -0.62 -16.81
N GLU D 100 -17.93 -1.70 -16.07
CA GLU D 100 -17.43 -1.78 -14.69
C GLU D 100 -16.56 -3.04 -14.56
N ILE D 101 -15.77 -3.30 -15.60
CA ILE D 101 -14.93 -4.48 -15.61
C ILE D 101 -13.70 -4.28 -14.71
N GLU D 102 -13.39 -5.31 -13.95
CA GLU D 102 -12.25 -5.31 -13.02
C GLU D 102 -11.14 -6.26 -13.43
N ALA D 103 -11.47 -7.33 -14.14
CA ALA D 103 -10.55 -8.41 -14.40
C ALA D 103 -10.52 -8.73 -15.85
N VAL D 104 -9.39 -9.27 -16.31
CA VAL D 104 -9.27 -9.80 -17.65
C VAL D 104 -8.80 -11.24 -17.51
N THR D 105 -9.69 -12.19 -17.75
CA THR D 105 -9.41 -13.61 -17.52
C THR D 105 -9.28 -14.31 -18.87
N ALA D 106 -8.49 -15.37 -18.87
CA ALA D 106 -8.26 -16.18 -20.04
C ALA D 106 -9.49 -16.79 -20.69
N ASN D 107 -10.44 -17.22 -19.88
CA ASN D 107 -11.63 -17.93 -20.41
C ASN D 107 -12.43 -17.09 -21.42
N SER D 108 -12.48 -15.76 -21.24
CA SER D 108 -13.20 -14.89 -22.16
C SER D 108 -12.58 -14.80 -23.56
N PHE D 109 -11.27 -15.00 -23.68
CA PHE D 109 -10.55 -14.80 -24.95
C PHE D 109 -10.06 -16.07 -25.61
N ILE D 110 -10.45 -17.21 -25.07
CA ILE D 110 -9.83 -18.46 -25.45
C ILE D 110 -10.02 -18.79 -26.95
N ASN D 111 -11.18 -18.46 -27.49
CA ASN D 111 -11.48 -18.76 -28.88
C ASN D 111 -11.26 -17.57 -29.82
N ALA D 112 -10.92 -16.41 -29.25
CA ALA D 112 -10.90 -15.16 -29.98
C ALA D 112 -9.53 -14.84 -30.58
N THR D 113 -9.06 -15.76 -31.40
CA THR D 113 -7.72 -15.76 -31.93
C THR D 113 -7.48 -14.67 -32.96
N HIS D 114 -8.55 -14.15 -33.57
CA HIS D 114 -8.41 -13.13 -34.62
C HIS D 114 -8.63 -11.68 -34.14
N LEU D 115 -8.71 -11.45 -32.84
CA LEU D 115 -8.80 -10.08 -32.34
C LEU D 115 -7.64 -9.20 -32.84
N LYS D 116 -8.00 -8.08 -33.44
CA LYS D 116 -7.06 -7.07 -33.86
C LYS D 116 -7.09 -5.84 -33.01
N GLU D 117 -8.24 -5.57 -32.39
CA GLU D 117 -8.43 -4.36 -31.64
CA GLU D 117 -8.44 -4.33 -31.67
C GLU D 117 -9.29 -4.66 -30.45
N ILE D 118 -8.83 -4.26 -29.26
CA ILE D 118 -9.62 -4.36 -28.04
C ILE D 118 -9.64 -3.02 -27.34
N ASN D 119 -10.83 -2.52 -27.06
CA ASN D 119 -10.99 -1.32 -26.25
C ASN D 119 -11.57 -1.65 -24.88
N LEU D 120 -10.71 -1.56 -23.84
CA LEU D 120 -11.08 -1.81 -22.46
C LEU D 120 -10.92 -0.53 -21.64
N SER D 121 -10.89 0.61 -22.30
CA SER D 121 -10.82 1.88 -21.62
C SER D 121 -12.04 2.18 -20.76
N HIS D 122 -11.87 3.05 -19.78
CA HIS D 122 -12.94 3.49 -18.90
C HIS D 122 -13.60 2.32 -18.22
N ASN D 123 -12.77 1.52 -17.55
CA ASN D 123 -13.26 0.43 -16.71
C ASN D 123 -12.62 0.56 -15.33
N LYS D 124 -12.54 -0.54 -14.57
CA LYS D 124 -11.92 -0.52 -13.23
C LYS D 124 -10.86 -1.62 -13.13
N ILE D 125 -10.15 -1.87 -14.24
CA ILE D 125 -9.23 -2.98 -14.28
C ILE D 125 -8.03 -2.70 -13.39
N LYS D 126 -7.62 -3.71 -12.62
CA LYS D 126 -6.40 -3.62 -11.81
C LYS D 126 -5.43 -4.59 -12.36
N SER D 127 -4.15 -4.23 -12.23
CA SER D 127 -3.04 -5.02 -12.78
C SER D 127 -3.05 -6.45 -12.20
N GLN D 128 -3.30 -6.54 -10.90
CA GLN D 128 -3.39 -7.83 -10.21
C GLN D 128 -4.58 -8.73 -10.65
N LYS D 129 -5.51 -8.21 -11.46
CA LYS D 129 -6.62 -9.02 -11.98
C LYS D 129 -6.53 -9.35 -13.44
N ILE D 130 -5.36 -9.13 -14.05
CA ILE D 130 -5.16 -9.46 -15.44
C ILE D 130 -4.41 -10.79 -15.40
N ASP D 131 -4.99 -11.84 -15.96
CA ASP D 131 -4.30 -13.11 -16.11
C ASP D 131 -3.03 -12.97 -16.90
N TYR D 132 -2.04 -13.74 -16.47
CA TYR D 132 -0.73 -13.76 -17.10
C TYR D 132 -0.80 -14.28 -18.47
N GLY D 133 -0.37 -13.52 -19.44
CA GLY D 133 -0.40 -13.88 -20.84
C GLY D 133 -1.69 -13.77 -21.64
N VAL D 134 -2.75 -13.28 -21.03
CA VAL D 134 -4.07 -13.23 -21.71
C VAL D 134 -4.01 -12.44 -23.02
N PHE D 135 -3.33 -11.30 -23.02
CA PHE D 135 -3.14 -10.54 -24.26
C PHE D 135 -2.06 -11.11 -25.15
N ALA D 136 -1.00 -11.66 -24.57
CA ALA D 136 0.10 -12.22 -25.36
C ALA D 136 -0.31 -13.38 -26.24
N LYS D 137 -1.36 -14.07 -25.85
CA LYS D 137 -1.89 -15.18 -26.63
C LYS D 137 -2.64 -14.77 -27.91
N LEU D 138 -2.84 -13.47 -28.13
CA LEU D 138 -3.58 -12.97 -29.28
C LEU D 138 -2.60 -12.55 -30.37
N PRO D 139 -2.33 -13.41 -31.34
CA PRO D 139 -1.18 -13.13 -32.23
C PRO D 139 -1.38 -12.07 -33.31
N ASN D 140 -2.60 -11.62 -33.51
CA ASN D 140 -2.91 -10.57 -34.51
C ASN D 140 -3.35 -9.24 -33.87
N LEU D 141 -3.30 -9.14 -32.53
CA LEU D 141 -3.70 -7.91 -31.83
C LEU D 141 -2.79 -6.74 -32.21
N LEU D 142 -3.40 -5.71 -32.79
CA LEU D 142 -2.69 -4.52 -33.23
C LEU D 142 -2.88 -3.31 -32.28
N GLN D 143 -4.02 -3.22 -31.64
CA GLN D 143 -4.38 -2.06 -30.88
C GLN D 143 -5.02 -2.47 -29.56
N LEU D 144 -4.53 -1.92 -28.46
CA LEU D 144 -5.06 -2.24 -27.13
C LEU D 144 -5.26 -0.97 -26.36
N HIS D 145 -6.50 -0.68 -25.97
CA HIS D 145 -6.84 0.49 -25.15
C HIS D 145 -7.11 0.05 -23.72
N LEU D 146 -6.30 0.54 -22.78
CA LEU D 146 -6.50 0.30 -21.36
C LEU D 146 -6.47 1.60 -20.56
N GLU D 147 -6.68 2.71 -21.23
CA GLU D 147 -6.72 4.02 -20.61
C GLU D 147 -7.93 4.14 -19.70
N HIS D 148 -7.83 5.00 -18.70
CA HIS D 148 -8.87 5.21 -17.70
C HIS D 148 -9.26 3.92 -16.99
N ASN D 149 -8.27 3.29 -16.40
CA ASN D 149 -8.47 2.10 -15.54
C ASN D 149 -7.80 2.36 -14.19
N ASN D 150 -7.46 1.31 -13.44
CA ASN D 150 -6.77 1.48 -12.17
C ASN D 150 -5.48 0.69 -12.15
N LEU D 151 -4.79 0.66 -13.30
CA LEU D 151 -3.59 -0.14 -13.42
C LEU D 151 -2.50 0.53 -12.58
N GLU D 152 -1.78 -0.29 -11.81
CA GLU D 152 -0.64 0.16 -11.04
C GLU D 152 0.63 -0.28 -11.65
N GLU D 153 0.60 -1.18 -12.59
CA GLU D 153 1.79 -1.55 -13.25
C GLU D 153 1.60 -1.80 -14.71
N PHE D 154 2.69 -1.67 -15.45
CA PHE D 154 2.67 -1.81 -16.88
C PHE D 154 2.32 -3.28 -17.19
N PRO D 155 1.30 -3.49 -18.04
CA PRO D 155 0.83 -4.85 -18.32
C PRO D 155 1.80 -5.58 -19.20
N PHE D 156 2.02 -6.85 -18.90
CA PHE D 156 2.99 -7.67 -19.66
C PHE D 156 2.66 -9.15 -19.36
N PRO D 157 3.01 -10.07 -20.23
CA PRO D 157 3.53 -9.81 -21.55
C PRO D 157 2.43 -9.42 -22.53
N LEU D 158 2.81 -8.77 -23.62
CA LEU D 158 1.90 -8.36 -24.65
C LEU D 158 2.37 -8.95 -25.96
N PRO D 159 1.46 -9.11 -26.92
CA PRO D 159 1.87 -9.76 -28.15
C PRO D 159 2.73 -8.87 -29.01
N LYS D 160 3.66 -9.48 -29.72
CA LYS D 160 4.63 -8.82 -30.56
C LYS D 160 4.05 -8.12 -31.75
N SER D 161 2.83 -8.49 -32.14
CA SER D 161 2.11 -7.80 -33.21
C SER D 161 1.64 -6.39 -32.83
N LEU D 162 1.65 -6.04 -31.55
CA LEU D 162 1.03 -4.81 -31.09
C LEU D 162 1.65 -3.55 -31.69
N GLU D 163 0.76 -2.66 -32.14
CA GLU D 163 1.16 -1.44 -32.80
C GLU D 163 0.85 -0.18 -31.98
N ARG D 164 -0.31 -0.16 -31.35
CA ARG D 164 -0.74 0.97 -30.58
C ARG D 164 -1.20 0.49 -29.21
N LEU D 165 -0.64 1.10 -28.15
CA LEU D 165 -0.98 0.78 -26.78
C LEU D 165 -1.29 2.04 -26.00
N LEU D 166 -2.49 2.13 -25.49
CA LEU D 166 -2.97 3.28 -24.80
C LEU D 166 -3.20 2.94 -23.31
N LEU D 167 -2.42 3.59 -22.45
CA LEU D 167 -2.39 3.33 -21.02
C LEU D 167 -2.53 4.59 -20.18
N GLY D 168 -3.01 5.65 -20.80
CA GLY D 168 -3.18 6.91 -20.12
C GLY D 168 -4.20 6.83 -18.99
N TYR D 169 -4.07 7.73 -18.03
CA TYR D 169 -5.01 7.84 -16.90
C TYR D 169 -5.15 6.54 -16.10
N ASN D 170 -4.01 6.06 -15.67
CA ASN D 170 -3.96 4.92 -14.75
C ASN D 170 -3.08 5.36 -13.57
N GLU D 171 -2.54 4.42 -12.81
CA GLU D 171 -1.75 4.74 -11.62
C GLU D 171 -0.43 4.00 -11.73
N ILE D 172 0.11 3.94 -12.95
CA ILE D 172 1.25 3.09 -13.19
C ILE D 172 2.48 3.64 -12.47
N SER D 173 2.96 2.90 -11.47
CA SER D 173 4.16 3.25 -10.72
C SER D 173 5.19 2.15 -10.73
N LYS D 174 4.95 1.09 -11.48
CA LYS D 174 5.85 -0.04 -11.52
C LYS D 174 5.97 -0.49 -12.96
N LEU D 175 7.17 -0.91 -13.35
CA LEU D 175 7.43 -1.35 -14.67
C LEU D 175 8.58 -2.34 -14.58
N GLN D 176 8.26 -3.61 -14.64
CA GLN D 176 9.24 -4.68 -14.45
C GLN D 176 10.19 -4.66 -15.63
N THR D 177 11.41 -5.09 -15.35
CA THR D 177 12.51 -5.19 -16.31
C THR D 177 12.15 -5.71 -17.68
N ASN D 178 11.44 -6.82 -17.76
CA ASN D 178 11.16 -7.40 -19.08
C ASN D 178 9.78 -7.02 -19.65
N ALA D 179 9.13 -6.02 -19.07
CA ALA D 179 7.74 -5.69 -19.41
C ALA D 179 7.56 -5.24 -20.87
N MET D 180 8.59 -4.70 -21.49
CA MET D 180 8.49 -4.16 -22.82
C MET D 180 9.00 -5.12 -23.85
N ASP D 181 9.36 -6.33 -23.45
CA ASP D 181 10.02 -7.24 -24.36
C ASP D 181 9.12 -7.61 -25.52
N GLY D 182 9.74 -7.69 -26.69
CA GLY D 182 9.06 -8.08 -27.86
C GLY D 182 8.29 -7.00 -28.58
N LEU D 183 8.08 -5.81 -27.96
CA LEU D 183 7.26 -4.77 -28.55
C LEU D 183 7.90 -4.00 -29.70
N VAL D 184 8.41 -4.73 -30.67
CA VAL D 184 9.21 -4.20 -31.75
C VAL D 184 8.36 -3.66 -32.88
N ASN D 185 7.04 -3.87 -32.81
CA ASN D 185 6.16 -3.29 -33.81
C ASN D 185 5.37 -2.12 -33.28
N LEU D 186 5.63 -1.73 -32.03
CA LEU D 186 4.86 -0.65 -31.43
C LEU D 186 5.23 0.68 -32.08
N THR D 187 4.22 1.40 -32.56
CA THR D 187 4.43 2.73 -33.11
C THR D 187 3.94 3.84 -32.21
N MET D 188 3.01 3.54 -31.35
CA MET D 188 2.38 4.56 -30.52
C MET D 188 2.21 3.98 -29.11
N LEU D 189 2.76 4.70 -28.14
CA LEU D 189 2.67 4.32 -26.73
C LEU D 189 2.24 5.55 -25.94
N ASP D 190 1.07 5.45 -25.34
CA ASP D 190 0.56 6.56 -24.55
C ASP D 190 0.51 6.17 -23.07
N LEU D 191 1.34 6.86 -22.27
CA LEU D 191 1.45 6.64 -20.83
C LEU D 191 1.16 7.91 -20.07
N CYS D 192 0.43 8.83 -20.68
CA CYS D 192 0.14 10.15 -20.06
C CYS D 192 -0.72 9.91 -18.79
N TYR D 193 -0.57 10.76 -17.80
CA TYR D 193 -1.38 10.66 -16.57
C TYR D 193 -1.22 9.31 -15.83
N ASN D 194 0.01 9.09 -15.41
CA ASN D 194 0.40 7.92 -14.62
C ASN D 194 1.38 8.38 -13.52
N TYR D 195 2.05 7.45 -12.86
CA TYR D 195 2.96 7.79 -11.75
C TYR D 195 4.36 7.30 -12.04
N LEU D 196 4.76 7.34 -13.32
CA LEU D 196 6.11 6.91 -13.67
C LEU D 196 7.16 7.84 -13.10
N HIS D 197 8.30 7.26 -12.74
CA HIS D 197 9.40 7.99 -12.12
C HIS D 197 10.67 7.44 -12.74
N ASP D 198 11.76 8.20 -12.59
CA ASP D 198 12.98 7.96 -13.36
C ASP D 198 13.53 6.57 -13.30
N SER D 199 13.47 5.95 -12.13
CA SER D 199 14.09 4.63 -11.97
C SER D 199 13.43 3.58 -12.85
N LEU D 200 12.16 3.76 -13.18
CA LEU D 200 11.47 2.82 -14.09
C LEU D 200 12.03 2.86 -15.50
N LEU D 201 12.52 4.03 -15.92
CA LEU D 201 12.96 4.27 -17.30
C LEU D 201 14.47 4.28 -17.49
N LYS D 202 15.24 4.18 -16.39
CA LYS D 202 16.69 4.41 -16.44
C LYS D 202 17.44 3.37 -17.28
N ASP D 203 16.99 2.12 -17.31
CA ASP D 203 17.74 1.09 -18.08
C ASP D 203 17.36 1.07 -19.56
N LYS D 204 17.02 2.22 -20.14
CA LYS D 204 16.83 2.35 -21.60
C LYS D 204 15.75 1.39 -22.08
N ILE D 205 14.61 1.39 -21.41
CA ILE D 205 13.60 0.34 -21.56
C ILE D 205 12.88 0.40 -22.90
N PHE D 206 12.85 1.59 -23.52
CA PHE D 206 12.22 1.78 -24.82
C PHE D 206 13.14 1.49 -25.97
N ALA D 207 14.39 1.13 -25.70
CA ALA D 207 15.42 1.10 -26.76
C ALA D 207 15.20 0.10 -27.86
N LYS D 208 14.55 -1.03 -27.54
CA LYS D 208 14.26 -2.04 -28.59
C LYS D 208 12.99 -1.76 -29.39
N MET D 209 12.23 -0.73 -29.01
CA MET D 209 11.02 -0.37 -29.74
C MET D 209 11.41 0.48 -30.94
N GLU D 210 11.99 -0.15 -31.95
CA GLU D 210 12.65 0.57 -33.02
C GLU D 210 11.72 1.00 -34.11
N LYS D 211 10.41 0.76 -33.96
CA LYS D 211 9.42 1.43 -34.80
C LYS D 211 8.62 2.52 -34.06
N LEU D 212 8.95 2.77 -32.79
CA LEU D 212 8.17 3.70 -31.98
C LEU D 212 8.27 5.11 -32.57
N MET D 213 7.12 5.67 -32.92
CA MET D 213 7.01 6.99 -33.52
C MET D 213 6.54 8.02 -32.55
N GLN D 214 5.62 7.61 -31.69
CA GLN D 214 4.98 8.56 -30.78
C GLN D 214 5.01 8.00 -29.36
N LEU D 215 5.54 8.80 -28.44
CA LEU D 215 5.65 8.45 -27.04
C LEU D 215 5.12 9.59 -26.20
N ASN D 216 4.04 9.31 -25.48
CA ASN D 216 3.42 10.26 -24.59
C ASN D 216 3.75 9.87 -23.13
N LEU D 217 4.59 10.69 -22.48
CA LEU D 217 4.97 10.51 -21.07
C LEU D 217 4.57 11.72 -20.22
N CYS D 218 3.54 12.42 -20.65
CA CYS D 218 3.10 13.58 -19.96
C CYS D 218 2.34 13.26 -18.68
N SER D 219 2.34 14.24 -17.78
CA SER D 219 1.65 14.17 -16.49
C SER D 219 2.04 12.91 -15.72
N ASN D 220 3.34 12.74 -15.54
CA ASN D 220 3.92 11.69 -14.70
C ASN D 220 4.77 12.30 -13.58
N ARG D 221 5.77 11.58 -13.03
CA ARG D 221 6.57 12.10 -11.93
C ARG D 221 8.03 11.94 -12.30
N LEU D 222 8.35 12.30 -13.54
CA LEU D 222 9.70 12.18 -14.02
C LEU D 222 10.48 13.43 -13.60
N GLU D 223 11.72 13.20 -13.20
CA GLU D 223 12.63 14.27 -12.79
C GLU D 223 13.81 14.43 -13.78
N SER D 224 13.95 13.50 -14.71
CA SER D 224 15.00 13.50 -15.71
C SER D 224 14.45 13.12 -17.09
N MET D 225 15.21 13.47 -18.13
CA MET D 225 14.91 13.07 -19.47
C MET D 225 15.06 11.57 -19.55
N PRO D 226 14.09 10.85 -20.13
CA PRO D 226 14.31 9.41 -20.25
C PRO D 226 15.49 9.10 -21.16
N PRO D 227 16.42 8.26 -20.70
CA PRO D 227 17.58 7.95 -21.51
C PRO D 227 17.34 6.82 -22.51
N GLY D 228 18.16 6.80 -23.55
CA GLY D 228 18.11 5.75 -24.58
C GLY D 228 16.81 5.57 -25.36
N LEU D 229 16.08 6.65 -25.62
CA LEU D 229 14.89 6.58 -26.45
C LEU D 229 15.25 6.14 -27.89
N PRO D 230 14.37 5.41 -28.56
CA PRO D 230 14.71 4.93 -29.89
C PRO D 230 14.76 6.04 -30.92
N SER D 231 15.65 5.88 -31.90
CA SER D 231 15.90 6.91 -32.89
C SER D 231 14.78 7.06 -33.93
N SER D 232 13.81 6.16 -33.94
CA SER D 232 12.61 6.28 -34.76
C SER D 232 11.62 7.37 -34.33
N LEU D 233 11.80 7.90 -33.14
CA LEU D 233 10.79 8.74 -32.53
C LEU D 233 10.62 10.06 -33.26
N MET D 234 9.36 10.41 -33.50
CA MET D 234 8.98 11.63 -34.16
C MET D 234 8.15 12.59 -33.29
N TYR D 235 7.45 12.04 -32.31
CA TYR D 235 6.66 12.84 -31.42
C TYR D 235 6.99 12.41 -29.96
N LEU D 236 7.44 13.37 -29.15
CA LEU D 236 7.78 13.13 -27.76
C LEU D 236 7.10 14.13 -26.86
N SER D 237 6.17 13.67 -26.01
CA SER D 237 5.63 14.55 -24.98
C SER D 237 6.12 14.18 -23.60
N LEU D 238 6.71 15.17 -22.93
CA LEU D 238 7.16 15.08 -21.53
C LEU D 238 6.53 16.17 -20.70
N GLU D 239 5.43 16.71 -21.18
CA GLU D 239 4.74 17.80 -20.52
C GLU D 239 4.31 17.41 -19.10
N ASN D 240 4.32 18.37 -18.20
CA ASN D 240 3.79 18.23 -16.84
C ASN D 240 4.55 17.15 -16.05
N ASN D 241 5.87 17.22 -16.03
CA ASN D 241 6.71 16.44 -15.16
C ASN D 241 7.51 17.43 -14.26
N SER D 242 8.67 17.07 -13.74
CA SER D 242 9.53 17.96 -12.97
C SER D 242 10.96 17.88 -13.48
N ILE D 243 11.12 17.87 -14.80
CA ILE D 243 12.42 17.74 -15.40
C ILE D 243 13.10 19.12 -15.32
N SER D 244 14.36 19.13 -14.91
CA SER D 244 15.06 20.38 -14.64
C SER D 244 16.26 20.66 -15.54
N SER D 245 16.89 19.60 -16.06
CA SER D 245 17.98 19.72 -17.03
C SER D 245 17.80 18.77 -18.23
N ILE D 246 18.63 18.95 -19.25
CA ILE D 246 18.69 18.06 -20.40
C ILE D 246 20.16 17.77 -20.59
N PRO D 247 20.56 16.51 -20.63
CA PRO D 247 22.00 16.26 -20.76
C PRO D 247 22.55 16.66 -22.15
N GLU D 248 23.81 17.04 -22.16
CA GLU D 248 24.57 17.37 -23.36
C GLU D 248 24.38 16.23 -24.36
N LYS D 249 24.10 16.58 -25.61
CA LYS D 249 23.93 15.67 -26.73
C LYS D 249 22.74 14.69 -26.70
N TYR D 250 21.74 15.02 -25.89
CA TYR D 250 20.59 14.14 -25.68
C TYR D 250 19.87 13.87 -26.99
N PHE D 251 19.72 14.93 -27.80
CA PHE D 251 18.97 14.83 -29.04
C PHE D 251 19.73 14.33 -30.27
N ASP D 252 21.02 14.04 -30.14
CA ASP D 252 21.85 13.59 -31.28
C ASP D 252 21.29 12.35 -31.97
N LYS D 253 20.82 11.40 -31.19
CA LYS D 253 20.25 10.18 -31.71
C LYS D 253 18.72 10.17 -31.72
N LEU D 254 18.12 11.35 -31.72
CA LEU D 254 16.68 11.54 -31.97
C LEU D 254 16.47 12.49 -33.15
N PRO D 255 17.11 12.22 -34.32
CA PRO D 255 17.06 13.15 -35.42
C PRO D 255 15.69 13.26 -36.09
N LYS D 256 14.80 12.29 -35.91
CA LYS D 256 13.51 12.34 -36.58
C LYS D 256 12.45 13.11 -35.82
N LEU D 257 12.81 13.69 -34.69
CA LEU D 257 11.85 14.41 -33.88
C LEU D 257 11.26 15.58 -34.62
N HIS D 258 9.92 15.55 -34.73
CA HIS D 258 9.16 16.62 -35.40
C HIS D 258 8.47 17.52 -34.37
N THR D 259 7.92 16.90 -33.32
CA THR D 259 7.23 17.63 -32.30
C THR D 259 7.77 17.22 -30.91
N LEU D 260 8.20 18.23 -30.14
CA LEU D 260 8.76 18.03 -28.82
C LEU D 260 8.00 18.92 -27.86
N ARG D 261 7.32 18.29 -26.90
CA ARG D 261 6.51 19.02 -25.91
C ARG D 261 7.07 18.81 -24.54
N MET D 262 7.61 19.90 -24.00
CA MET D 262 8.19 19.93 -22.66
C MET D 262 7.66 21.01 -21.77
N SER D 263 6.49 21.48 -22.10
CA SER D 263 5.85 22.47 -21.31
C SER D 263 5.57 21.95 -19.86
N HIS D 264 5.54 22.86 -18.90
CA HIS D 264 5.20 22.57 -17.48
C HIS D 264 6.20 21.60 -16.89
N ASN D 265 7.45 21.92 -17.00
CA ASN D 265 8.53 21.24 -16.29
C ASN D 265 9.31 22.29 -15.49
N LYS D 266 10.54 21.99 -15.07
CA LYS D 266 11.36 22.94 -14.31
C LYS D 266 12.64 23.32 -15.05
N LEU D 267 12.58 23.42 -16.37
CA LEU D 267 13.83 23.61 -17.16
C LEU D 267 14.44 24.96 -16.87
N GLN D 268 15.73 24.99 -16.61
CA GLN D 268 16.51 26.18 -16.40
C GLN D 268 17.95 25.70 -16.74
N ASP D 269 18.74 26.55 -17.34
CA ASP D 269 20.17 26.22 -17.53
C ASP D 269 20.46 25.03 -18.45
N ILE D 270 19.66 24.89 -19.49
CA ILE D 270 19.89 23.91 -20.53
C ILE D 270 21.08 24.31 -21.38
N PRO D 271 21.79 23.35 -21.93
CA PRO D 271 22.89 23.72 -22.84
C PRO D 271 22.37 24.56 -24.00
N TYR D 272 23.15 25.56 -24.36
CA TYR D 272 22.68 26.62 -25.27
C TYR D 272 22.30 26.06 -26.66
N ASN D 273 23.00 25.04 -27.12
CA ASN D 273 22.74 24.39 -28.41
C ASN D 273 21.99 23.02 -28.32
N ILE D 274 21.26 22.80 -27.22
CA ILE D 274 20.70 21.47 -26.94
C ILE D 274 19.65 21.05 -27.95
N PHE D 275 18.86 21.98 -28.45
CA PHE D 275 17.81 21.66 -29.45
C PHE D 275 18.30 21.56 -30.93
N ASN D 276 19.34 20.78 -31.06
CA ASN D 276 20.05 20.57 -32.33
C ASN D 276 19.30 19.45 -33.07
N LEU D 277 18.20 19.85 -33.71
CA LEU D 277 17.26 18.86 -34.23
C LEU D 277 17.00 19.19 -35.70
N PRO D 278 17.44 18.31 -36.62
CA PRO D 278 17.32 18.71 -38.03
C PRO D 278 15.89 18.62 -38.59
N ASN D 279 14.95 17.95 -37.93
CA ASN D 279 13.57 17.83 -38.45
C ASN D 279 12.48 18.39 -37.55
N ILE D 280 12.88 19.13 -36.52
CA ILE D 280 11.92 19.66 -35.57
C ILE D 280 11.10 20.74 -36.22
N VAL D 281 9.79 20.67 -36.01
CA VAL D 281 8.86 21.66 -36.54
C VAL D 281 8.17 22.45 -35.43
N GLU D 282 7.77 21.74 -34.35
CA GLU D 282 7.14 22.37 -33.21
C GLU D 282 7.94 22.07 -31.96
N LEU D 283 8.27 23.12 -31.20
CA LEU D 283 9.03 23.03 -29.95
C LEU D 283 8.28 23.82 -28.90
N SER D 284 7.84 23.12 -27.85
CA SER D 284 6.98 23.69 -26.80
C SER D 284 7.77 23.57 -25.50
N VAL D 285 8.23 24.71 -24.97
CA VAL D 285 8.92 24.73 -23.68
C VAL D 285 8.32 25.79 -22.74
N GLY D 286 7.05 26.09 -22.93
CA GLY D 286 6.38 27.00 -22.01
C GLY D 286 6.30 26.47 -20.58
N HIS D 287 5.98 27.39 -19.64
CA HIS D 287 5.80 27.09 -18.22
C HIS D 287 6.96 26.30 -17.70
N ASN D 288 8.14 26.84 -17.87
CA ASN D 288 9.37 26.30 -17.32
C ASN D 288 10.09 27.43 -16.56
N LYS D 289 11.38 27.27 -16.29
CA LYS D 289 12.14 28.31 -15.57
C LYS D 289 13.32 28.84 -16.37
N LEU D 290 13.14 28.99 -17.70
CA LEU D 290 14.25 29.43 -18.55
C LEU D 290 14.47 30.92 -18.31
N LYS D 291 15.73 31.29 -18.13
CA LYS D 291 16.14 32.70 -17.93
C LYS D 291 16.64 33.35 -19.22
N GLN D 292 17.17 32.52 -20.12
CA GLN D 292 17.78 32.91 -21.38
C GLN D 292 17.12 32.16 -22.55
N ALA D 293 17.17 32.80 -23.72
CA ALA D 293 16.89 32.12 -24.97
C ALA D 293 18.01 31.13 -25.26
N PHE D 294 17.77 30.31 -26.27
CA PHE D 294 18.71 29.28 -26.67
C PHE D 294 18.75 29.28 -28.21
N TYR D 295 19.73 28.59 -28.76
CA TYR D 295 19.85 28.37 -30.19
C TYR D 295 18.58 27.79 -30.82
N ILE D 296 18.01 28.49 -31.79
CA ILE D 296 16.84 28.03 -32.51
C ILE D 296 17.27 27.18 -33.70
N PRO D 297 16.82 25.93 -33.81
CA PRO D 297 17.26 25.14 -34.98
C PRO D 297 16.61 25.60 -36.27
N ARG D 298 17.29 25.37 -37.38
CA ARG D 298 16.87 25.93 -38.65
C ARG D 298 15.55 25.38 -39.10
N ASN D 299 15.28 24.10 -38.81
CA ASN D 299 14.03 23.50 -39.23
C ASN D 299 12.79 24.01 -38.53
N LEU D 300 12.97 24.56 -37.32
CA LEU D 300 11.80 24.87 -36.48
C LEU D 300 10.87 25.86 -37.12
N GLU D 301 9.57 25.63 -36.98
CA GLU D 301 8.58 26.64 -37.39
C GLU D 301 7.88 27.37 -36.24
N HIS D 302 7.49 26.65 -35.19
CA HIS D 302 6.70 27.24 -34.11
C HIS D 302 7.43 26.99 -32.79
N LEU D 303 7.60 28.06 -32.01
CA LEU D 303 8.35 28.03 -30.79
C LEU D 303 7.46 28.61 -29.71
N TYR D 304 7.23 27.83 -28.65
CA TYR D 304 6.35 28.25 -27.53
C TYR D 304 7.21 28.40 -26.30
N LEU D 305 7.36 29.65 -25.87
CA LEU D 305 8.23 29.99 -24.74
C LEU D 305 7.48 30.75 -23.64
N GLN D 306 6.15 30.77 -23.72
CA GLN D 306 5.37 31.45 -22.69
C GLN D 306 5.72 31.00 -21.28
N ASN D 307 5.46 31.91 -20.31
CA ASN D 307 5.52 31.58 -18.88
C ASN D 307 6.85 31.00 -18.52
N ASN D 308 7.92 31.65 -18.93
CA ASN D 308 9.27 31.36 -18.41
C ASN D 308 9.76 32.60 -17.62
N GLU D 309 11.07 32.67 -17.31
CA GLU D 309 11.66 33.77 -16.55
CA GLU D 309 11.68 33.75 -16.53
C GLU D 309 12.65 34.57 -17.42
N ILE D 310 12.23 34.87 -18.66
CA ILE D 310 13.14 35.54 -19.62
C ILE D 310 13.04 37.06 -19.51
N GLU D 311 14.18 37.70 -19.28
CA GLU D 311 14.26 39.17 -19.19
C GLU D 311 14.47 39.81 -20.56
N LYS D 312 15.31 39.18 -21.38
CA LYS D 312 15.54 39.60 -22.78
C LYS D 312 15.95 38.42 -23.69
N MET D 313 15.40 38.44 -24.90
CA MET D 313 15.72 37.48 -25.93
C MET D 313 17.05 37.81 -26.67
N ASN D 314 18.15 37.24 -26.20
CA ASN D 314 19.47 37.40 -26.79
C ASN D 314 19.58 36.81 -28.22
N LEU D 315 19.46 37.72 -29.19
CA LEU D 315 19.42 37.36 -30.62
C LEU D 315 20.66 36.64 -31.09
N THR D 316 21.81 36.95 -30.51
CA THR D 316 23.06 36.27 -30.86
C THR D 316 23.10 34.80 -30.43
N VAL D 317 22.44 34.49 -29.30
CA VAL D 317 22.32 33.11 -28.85
C VAL D 317 21.31 32.37 -29.74
N MET D 318 20.18 33.02 -30.02
CA MET D 318 19.17 32.50 -30.92
C MET D 318 19.71 32.16 -32.31
N CYS D 319 20.61 33.01 -32.82
CA CYS D 319 21.14 32.90 -34.17
C CYS D 319 22.56 33.47 -34.20
N PRO D 320 23.56 32.64 -33.93
CA PRO D 320 24.96 33.10 -33.88
C PRO D 320 25.60 33.42 -35.21
N SER D 321 25.07 32.86 -36.28
CA SER D 321 25.55 33.16 -37.62
C SER D 321 24.39 33.03 -38.60
N ILE D 322 24.39 33.92 -39.57
CA ILE D 322 23.43 33.90 -40.66
C ILE D 322 24.13 33.19 -41.83
N ASP D 323 23.48 32.11 -42.28
CA ASP D 323 23.82 31.45 -43.51
C ASP D 323 22.70 31.80 -44.51
N PRO D 324 22.99 32.68 -45.49
CA PRO D 324 21.95 33.07 -46.47
C PRO D 324 21.49 31.95 -47.47
N LEU D 325 22.19 30.84 -47.47
CA LEU D 325 21.78 29.70 -48.26
C LEU D 325 20.73 28.82 -47.55
N HIS D 326 20.64 28.93 -46.21
CA HIS D 326 19.69 28.15 -45.36
C HIS D 326 19.14 29.07 -44.27
N TYR D 327 18.11 29.82 -44.57
CA TYR D 327 17.48 30.66 -43.58
C TYR D 327 16.65 29.77 -42.62
N HIS D 328 16.57 30.20 -41.36
CA HIS D 328 15.74 29.57 -40.35
C HIS D 328 14.31 29.63 -40.79
N HIS D 329 13.56 28.54 -40.56
CA HIS D 329 12.18 28.44 -41.04
C HIS D 329 11.21 29.06 -40.09
N LEU D 330 11.70 29.63 -38.97
CA LEU D 330 10.84 30.10 -37.91
C LEU D 330 9.80 31.06 -38.38
N THR D 331 8.58 30.77 -37.96
CA THR D 331 7.36 31.46 -38.35
C THR D 331 6.60 32.10 -37.16
N TYR D 332 6.71 31.50 -35.97
CA TYR D 332 5.86 31.89 -34.84
C TYR D 332 6.61 31.73 -33.54
N ILE D 333 6.62 32.80 -32.76
CA ILE D 333 7.18 32.80 -31.41
C ILE D 333 6.10 33.32 -30.50
N ARG D 334 5.99 32.66 -29.35
CA ARG D 334 5.08 33.04 -28.29
C ARG D 334 5.98 33.23 -27.06
N VAL D 335 5.95 34.43 -26.50
CA VAL D 335 6.76 34.78 -25.33
C VAL D 335 5.97 35.54 -24.24
N ASP D 336 4.63 35.50 -24.30
CA ASP D 336 3.84 36.07 -23.22
C ASP D 336 4.16 35.47 -21.87
N GLN D 337 3.96 36.27 -20.83
CA GLN D 337 4.18 35.88 -19.43
C GLN D 337 5.62 35.58 -19.13
N ASN D 338 6.52 36.26 -19.84
CA ASN D 338 7.91 36.33 -19.43
C ASN D 338 8.11 37.69 -18.71
N LYS D 339 9.36 38.10 -18.47
CA LYS D 339 9.66 39.40 -17.85
C LYS D 339 10.36 40.34 -18.86
N LEU D 340 9.77 40.50 -20.05
CA LEU D 340 10.35 41.34 -21.08
C LEU D 340 9.92 42.80 -20.88
N LYS D 341 10.88 43.72 -20.91
CA LYS D 341 10.60 45.18 -20.86
C LYS D 341 10.22 45.76 -22.24
N GLU D 342 10.82 45.23 -23.31
CA GLU D 342 10.77 45.78 -24.66
C GLU D 342 10.56 44.64 -25.67
N PRO D 343 10.01 44.95 -26.88
CA PRO D 343 9.94 43.90 -27.92
C PRO D 343 11.33 43.38 -28.29
N ILE D 344 11.38 42.26 -29.03
CA ILE D 344 12.67 41.69 -29.43
C ILE D 344 13.29 42.66 -30.46
N SER D 345 14.62 42.73 -30.47
CA SER D 345 15.38 43.53 -31.44
C SER D 345 14.86 43.32 -32.89
N SER D 346 14.69 44.41 -33.62
CA SER D 346 14.20 44.36 -35.02
C SER D 346 15.13 43.56 -35.95
N TYR D 347 16.41 43.37 -35.57
CA TYR D 347 17.33 42.53 -36.31
C TYR D 347 16.95 41.03 -36.38
N ILE D 348 15.96 40.61 -35.59
CA ILE D 348 15.44 39.24 -35.65
C ILE D 348 15.00 38.90 -37.07
N PHE D 349 14.38 39.87 -37.79
CA PHE D 349 13.85 39.65 -39.12
C PHE D 349 14.95 39.32 -40.17
N PHE D 350 16.20 39.68 -39.89
CA PHE D 350 17.33 39.31 -40.76
C PHE D 350 17.83 37.90 -40.59
N CYS D 351 17.70 37.33 -39.40
CA CYS D 351 18.03 35.92 -39.21
C CYS D 351 16.85 35.01 -39.44
N PHE D 352 15.66 35.52 -39.15
CA PHE D 352 14.41 34.79 -39.21
C PHE D 352 13.46 35.47 -40.14
N PRO D 353 13.76 35.44 -41.46
CA PRO D 353 12.93 36.20 -42.40
C PRO D 353 11.52 35.74 -42.55
N HIS D 354 11.18 34.52 -42.14
CA HIS D 354 9.82 34.05 -42.30
C HIS D 354 8.92 34.31 -41.08
N ILE D 355 9.42 35.01 -40.05
CA ILE D 355 8.59 35.24 -38.85
C ILE D 355 7.39 36.05 -39.28
N HIS D 356 6.20 35.51 -39.05
CA HIS D 356 4.96 36.22 -39.31
C HIS D 356 4.26 36.76 -38.07
N THR D 357 4.54 36.21 -36.88
CA THR D 357 3.90 36.68 -35.62
C THR D 357 4.82 36.45 -34.40
N ILE D 358 4.88 37.44 -33.52
CA ILE D 358 5.52 37.29 -32.21
C ILE D 358 4.52 37.72 -31.17
N TYR D 359 3.89 36.76 -30.48
CA TYR D 359 2.91 37.09 -29.46
C TYR D 359 3.60 37.42 -28.14
N TYR D 360 3.37 38.64 -27.65
CA TYR D 360 3.99 39.15 -26.41
C TYR D 360 3.06 39.12 -25.18
N GLY D 361 1.74 39.20 -25.40
CA GLY D 361 0.74 39.29 -24.32
C GLY D 361 1.14 40.26 -23.25
N GLU D 362 0.93 39.87 -21.99
CA GLU D 362 1.37 40.64 -20.81
C GLU D 362 2.67 40.05 -20.26
N GLN D 363 3.55 40.89 -19.71
CA GLN D 363 4.78 40.48 -19.02
C GLN D 363 4.70 40.83 -17.51
#